data_5HX0
#
_entry.id   5HX0
#
_cell.length_a   54.698
_cell.length_b   85.441
_cell.length_c   158.812
_cell.angle_alpha   90.00
_cell.angle_beta   90.00
_cell.angle_gamma   90.00
#
_symmetry.space_group_name_H-M   'P 21 21 21'
#
loop_
_entity.id
_entity.type
_entity.pdbx_description
1 polymer 'Uncharacterized protein Dfer_1899'
2 non-polymer 'TETRAETHYLENE GLYCOL'
3 non-polymer 'ACETATE ION'
4 non-polymer GLYCEROL
5 non-polymer 'TRIETHYLENE GLYCOL'
6 water water
#
_entity_poly.entity_id   1
_entity_poly.type   'polypeptide(L)'
_entity_poly.pdbx_seq_one_letter_code
;SNA(MSE)KLKEISTLLLLFSA(MSE)GYRVPARANAGPHLTFTDSIPGVRKVEDVVIYRNEKFHAAFPSVIKKKNGEIV
LAFRRAPDRKVFGEKGTNHVDPNSYLVSVKSKDGKTWTPEPELIYSHPFGGSQDPCLLQLKDGTILCASYGWAFLRPDG
(MSE)ENLKKPYFLAGGAVFLGGYVLRSTDGGKSWQGPLYPPHIEPEINYTA(MSE)GEKLPAYNRGA(MSE)YEGKNGR
ILWVVAATDRQSPNKTSNHLLISDDKGLTWKYSAPVAVDEKVSFNEASVYETPKGDVVAFLRTAGLGDQACIARSVDGGK
TFTAWEK(MSE)GFQGHP(MSE)HALRLPDNRVLLSYGYRHKPLGIRARILNAECTDFATAPEIVLRTDGGTTDLGYPWA
VQLDKNRVLVSYYFNVPGGPQHIAGSILEIR
;
_entity_poly.pdbx_strand_id   A,B
#
loop_
_chem_comp.id
_chem_comp.type
_chem_comp.name
_chem_comp.formula
ACT non-polymer 'ACETATE ION' 'C2 H3 O2 -1'
GOL non-polymer GLYCEROL 'C3 H8 O3'
PG4 non-polymer 'TETRAETHYLENE GLYCOL' 'C8 H18 O5'
PGE non-polymer 'TRIETHYLENE GLYCOL' 'C6 H14 O4'
#
# COMPACT_ATOMS: atom_id res chain seq x y z
N SER A 38 -30.26 33.87 -9.18
CA SER A 38 -30.44 33.13 -7.94
C SER A 38 -31.43 31.99 -8.16
N ILE A 39 -31.14 30.82 -7.59
CA ILE A 39 -31.86 29.59 -7.89
C ILE A 39 -32.77 29.26 -6.71
N PRO A 40 -34.09 29.16 -6.92
CA PRO A 40 -35.03 29.00 -5.80
C PRO A 40 -34.70 27.76 -4.97
N GLY A 41 -34.56 27.97 -3.66
CA GLY A 41 -34.33 26.89 -2.74
C GLY A 41 -32.90 26.37 -2.68
N VAL A 42 -31.96 27.01 -3.38
CA VAL A 42 -30.56 26.62 -3.37
C VAL A 42 -29.72 27.73 -2.79
N ARG A 43 -28.81 27.38 -1.88
CA ARG A 43 -27.92 28.32 -1.23
C ARG A 43 -26.67 27.58 -0.78
N LYS A 44 -25.50 28.16 -1.02
CA LYS A 44 -24.27 27.58 -0.50
C LYS A 44 -24.08 28.01 0.94
N VAL A 45 -23.96 27.05 1.83
CA VAL A 45 -23.73 27.37 3.23
C VAL A 45 -22.29 27.80 3.45
N GLU A 46 -21.34 26.99 3.00
CA GLU A 46 -19.93 27.30 3.16
C GLU A 46 -19.13 26.30 2.32
N ASP A 47 -17.87 26.63 2.11
CA ASP A 47 -16.91 25.68 1.58
C ASP A 47 -16.08 25.10 2.71
N VAL A 48 -15.62 23.85 2.55
CA VAL A 48 -14.80 23.21 3.57
C VAL A 48 -13.58 22.57 2.91
N VAL A 49 -12.54 22.39 3.71
CA VAL A 49 -11.38 21.60 3.32
C VAL A 49 -11.49 20.26 4.04
N ILE A 50 -11.44 19.18 3.28
CA ILE A 50 -11.70 17.85 3.80
C ILE A 50 -10.39 17.11 4.09
N TYR A 51 -9.41 17.21 3.21
CA TYR A 51 -8.09 16.63 3.49
C TYR A 51 -7.07 17.35 2.63
N ARG A 52 -6.00 17.84 3.28
CA ARG A 52 -4.97 18.60 2.61
C ARG A 52 -3.63 18.32 3.26
N ASN A 53 -2.63 17.98 2.45
CA ASN A 53 -1.28 17.75 2.95
C ASN A 53 -0.32 18.00 1.79
N GLU A 54 0.57 18.98 1.94
CA GLU A 54 1.43 19.40 0.84
C GLU A 54 2.34 18.30 0.32
N LYS A 55 2.56 17.24 1.08
CA LYS A 55 3.37 16.13 0.58
C LYS A 55 2.60 15.21 -0.35
N PHE A 56 1.30 15.40 -0.55
CA PHE A 56 0.44 14.43 -1.21
C PHE A 56 -0.40 15.08 -2.30
N HIS A 57 -0.61 14.31 -3.36
CA HIS A 57 -1.64 14.58 -4.34
C HIS A 57 -2.87 13.79 -3.91
N ALA A 58 -3.94 14.49 -3.50
CA ALA A 58 -5.18 13.86 -3.05
C ALA A 58 -6.26 14.22 -4.04
N ALA A 59 -6.91 13.21 -4.61
CA ALA A 59 -7.81 13.50 -5.73
C ALA A 59 -8.88 12.43 -5.89
N PHE A 60 -9.90 12.77 -6.71
CA PHE A 60 -10.92 11.84 -7.20
C PHE A 60 -11.74 11.25 -6.05
N PRO A 61 -12.53 12.05 -5.33
CA PRO A 61 -13.25 11.52 -4.17
C PRO A 61 -14.58 10.87 -4.54
N SER A 62 -15.01 9.93 -3.69
N SER A 62 -15.01 9.97 -3.65
CA SER A 62 -16.40 9.53 -3.64
CA SER A 62 -16.36 9.41 -3.62
C SER A 62 -16.79 9.44 -2.17
C SER A 62 -16.79 9.34 -2.15
N VAL A 63 -18.08 9.51 -1.90
CA VAL A 63 -18.51 9.65 -0.50
C VAL A 63 -19.90 9.05 -0.32
N ILE A 64 -20.08 8.39 0.84
CA ILE A 64 -21.35 7.79 1.26
C ILE A 64 -21.60 8.24 2.70
N LYS A 65 -22.83 8.05 3.16
CA LYS A 65 -23.16 8.25 4.58
C LYS A 65 -23.82 6.98 5.10
N LYS A 66 -23.22 6.38 6.12
CA LYS A 66 -23.72 5.09 6.62
C LYS A 66 -24.96 5.29 7.47
N LYS A 67 -25.69 4.19 7.70
CA LYS A 67 -26.89 4.25 8.52
C LYS A 67 -26.60 4.77 9.93
N ASN A 68 -25.39 4.51 10.46
CA ASN A 68 -25.03 4.99 11.78
C ASN A 68 -24.60 6.46 11.79
N GLY A 69 -24.71 7.18 10.69
CA GLY A 69 -24.41 8.60 10.67
C GLY A 69 -23.01 8.95 10.20
N GLU A 70 -22.11 7.97 10.10
CA GLU A 70 -20.73 8.25 9.72
C GLU A 70 -20.65 8.47 8.22
N ILE A 71 -20.09 9.61 7.83
CA ILE A 71 -19.79 9.91 6.44
C ILE A 71 -18.40 9.38 6.12
N VAL A 72 -18.30 8.57 5.07
CA VAL A 72 -17.03 7.96 4.68
C VAL A 72 -16.68 8.48 3.29
N LEU A 73 -15.55 9.17 3.16
CA LEU A 73 -15.13 9.68 1.86
C LEU A 73 -13.82 9.00 1.45
N ALA A 74 -13.84 8.36 0.28
CA ALA A 74 -12.68 7.64 -0.26
C ALA A 74 -12.01 8.53 -1.30
N PHE A 75 -10.68 8.47 -1.37
CA PHE A 75 -9.98 9.21 -2.42
C PHE A 75 -8.65 8.52 -2.72
N ARG A 76 -8.08 8.93 -3.84
CA ARG A 76 -6.75 8.49 -4.25
C ARG A 76 -5.71 9.39 -3.61
N ARG A 77 -4.74 8.79 -2.92
CA ARG A 77 -3.62 9.53 -2.37
C ARG A 77 -2.31 8.99 -2.93
N ALA A 78 -1.46 9.89 -3.42
CA ALA A 78 -0.17 9.55 -3.99
C ALA A 78 0.81 10.65 -3.59
N PRO A 79 2.11 10.38 -3.64
CA PRO A 79 3.08 11.46 -3.38
C PRO A 79 2.86 12.62 -4.32
N ASP A 80 2.92 13.83 -3.77
CA ASP A 80 3.21 14.99 -4.61
C ASP A 80 4.67 14.88 -5.01
N ARG A 81 4.94 14.74 -6.32
CA ARG A 81 6.29 14.41 -6.76
C ARG A 81 7.30 15.51 -6.43
N LYS A 82 6.82 16.70 -6.04
CA LYS A 82 7.76 17.73 -5.57
C LYS A 82 8.55 17.27 -4.34
N VAL A 83 8.04 16.31 -3.56
CA VAL A 83 8.85 15.81 -2.44
C VAL A 83 10.12 15.11 -2.92
N PHE A 84 10.16 14.66 -4.17
CA PHE A 84 11.35 14.06 -4.75
C PHE A 84 12.13 15.04 -5.63
N GLY A 85 11.84 16.33 -5.54
CA GLY A 85 12.55 17.28 -6.37
C GLY A 85 12.14 17.28 -7.83
N GLU A 86 11.01 16.65 -8.17
CA GLU A 86 10.58 16.62 -9.55
C GLU A 86 9.74 17.86 -9.89
N LYS A 87 9.50 18.08 -11.18
CA LYS A 87 8.87 19.31 -11.64
C LYS A 87 7.36 19.35 -11.36
N GLY A 88 6.68 18.20 -11.42
CA GLY A 88 5.24 18.20 -11.21
C GLY A 88 4.74 16.78 -11.06
N THR A 89 3.43 16.66 -10.87
CA THR A 89 2.78 15.38 -10.58
C THR A 89 1.76 15.05 -11.66
N ASN A 90 1.73 13.80 -12.12
CA ASN A 90 0.66 13.40 -13.03
C ASN A 90 -0.26 12.40 -12.30
N HIS A 91 -1.07 11.68 -13.08
CA HIS A 91 -2.07 10.82 -12.45
C HIS A 91 -1.66 9.34 -12.44
N VAL A 92 -0.36 9.03 -12.59
CA VAL A 92 0.11 7.67 -12.38
C VAL A 92 1.23 7.69 -11.36
N ASP A 93 1.23 6.71 -10.49
CA ASP A 93 2.26 6.56 -9.47
C ASP A 93 2.13 5.16 -8.88
N PRO A 94 3.19 4.34 -8.81
CA PRO A 94 3.02 2.98 -8.25
C PRO A 94 2.49 3.01 -6.83
N ASN A 95 2.74 4.08 -6.07
CA ASN A 95 2.32 4.12 -4.68
C ASN A 95 1.05 4.92 -4.45
N SER A 96 0.18 5.05 -5.46
CA SER A 96 -1.13 5.66 -5.23
C SER A 96 -2.04 4.61 -4.60
N TYR A 97 -2.58 4.95 -3.43
CA TYR A 97 -3.43 4.06 -2.65
C TYR A 97 -4.84 4.62 -2.53
N LEU A 98 -5.77 3.73 -2.22
CA LEU A 98 -7.15 4.13 -1.93
C LEU A 98 -7.26 4.34 -0.43
N VAL A 99 -7.60 5.57 -0.01
CA VAL A 99 -7.67 5.91 1.41
C VAL A 99 -9.00 6.61 1.69
N SER A 100 -9.29 6.82 2.97
CA SER A 100 -10.53 7.48 3.37
C SER A 100 -10.32 8.41 4.56
N VAL A 101 -11.19 9.42 4.65
CA VAL A 101 -11.38 10.20 5.88
C VAL A 101 -12.86 10.16 6.18
N LYS A 102 -13.20 10.50 7.43
CA LYS A 102 -14.56 10.31 7.96
C LYS A 102 -15.04 11.55 8.70
N SER A 103 -16.37 11.68 8.80
CA SER A 103 -16.98 12.85 9.40
C SER A 103 -18.35 12.47 9.96
N LYS A 104 -18.74 13.13 11.04
CA LYS A 104 -20.12 13.03 11.52
C LYS A 104 -21.02 14.11 10.94
N ASP A 105 -20.47 15.19 10.40
CA ASP A 105 -21.30 16.30 10.02
C ASP A 105 -21.03 16.88 8.64
N GLY A 106 -20.00 16.43 7.94
CA GLY A 106 -19.61 17.00 6.66
C GLY A 106 -18.61 18.13 6.77
N LYS A 107 -18.35 18.60 7.97
N LYS A 107 -18.35 18.62 7.98
CA LYS A 107 -17.52 19.78 8.23
CA LYS A 107 -17.49 19.77 8.19
C LYS A 107 -16.23 19.46 8.96
C LYS A 107 -16.20 19.43 8.93
N THR A 108 -16.30 18.61 9.96
CA THR A 108 -15.15 18.16 10.73
C THR A 108 -14.70 16.78 10.24
N TRP A 109 -13.45 16.66 9.82
CA TRP A 109 -12.98 15.44 9.20
C TRP A 109 -11.80 14.85 9.97
N THR A 110 -11.74 13.51 10.01
CA THR A 110 -10.58 12.85 10.63
C THR A 110 -9.30 13.29 9.92
N PRO A 111 -8.22 13.60 10.68
CA PRO A 111 -7.00 14.15 10.05
C PRO A 111 -6.12 13.13 9.35
N GLU A 112 -6.11 11.87 9.80
CA GLU A 112 -5.20 10.87 9.25
C GLU A 112 -5.97 9.87 8.40
N PRO A 113 -5.75 9.81 7.08
CA PRO A 113 -6.54 8.88 6.25
C PRO A 113 -6.28 7.43 6.61
N GLU A 114 -7.34 6.63 6.60
CA GLU A 114 -7.20 5.18 6.75
C GLU A 114 -7.06 4.53 5.38
N LEU A 115 -6.35 3.40 5.34
CA LEU A 115 -6.15 2.71 4.08
C LEU A 115 -7.36 1.84 3.76
N ILE A 116 -7.92 2.03 2.58
CA ILE A 116 -8.87 1.08 2.01
C ILE A 116 -8.15 -0.01 1.25
N TYR A 117 -7.20 0.36 0.39
CA TYR A 117 -6.57 -0.65 -0.45
C TYR A 117 -5.27 -0.16 -1.06
N SER A 118 -4.25 -1.01 -1.01
N SER A 118 -4.23 -1.00 -0.96
CA SER A 118 -3.02 -0.84 -1.77
CA SER A 118 -3.01 -0.89 -1.74
C SER A 118 -2.85 -2.08 -2.65
C SER A 118 -2.92 -2.11 -2.66
N HIS A 119 -2.84 -1.88 -3.94
CA HIS A 119 -2.81 -3.02 -4.87
C HIS A 119 -1.40 -3.63 -4.86
N PRO A 120 -1.28 -4.95 -4.76
CA PRO A 120 0.07 -5.55 -4.77
C PRO A 120 0.85 -5.32 -6.06
N PHE A 121 0.17 -5.01 -7.17
CA PHE A 121 0.83 -4.97 -8.47
C PHE A 121 0.95 -3.58 -9.05
N GLY A 122 0.57 -2.53 -8.32
CA GLY A 122 0.81 -1.18 -8.80
C GLY A 122 -0.07 -0.15 -8.10
N GLY A 123 -0.24 1.00 -8.79
CA GLY A 123 -0.99 2.12 -8.25
C GLY A 123 -2.47 2.04 -8.58
N SER A 124 -3.30 2.54 -7.65
CA SER A 124 -4.76 2.44 -7.77
C SER A 124 -5.39 3.80 -7.98
N GLN A 125 -6.53 3.83 -8.66
CA GLN A 125 -7.14 5.08 -9.10
C GLN A 125 -8.55 5.27 -8.55
N ASP A 126 -9.03 6.52 -8.61
CA ASP A 126 -10.44 6.88 -8.56
C ASP A 126 -11.35 5.90 -7.81
N PRO A 127 -11.25 5.80 -6.48
CA PRO A 127 -12.16 4.88 -5.76
C PRO A 127 -13.59 5.38 -5.89
N CYS A 128 -14.48 4.50 -6.33
CA CYS A 128 -15.89 4.84 -6.50
C CYS A 128 -16.72 3.98 -5.54
N LEU A 129 -17.25 4.60 -4.49
CA LEU A 129 -18.04 3.92 -3.48
C LEU A 129 -19.51 3.80 -3.90
N LEU A 130 -20.10 2.63 -3.65
CA LEU A 130 -21.55 2.44 -3.69
C LEU A 130 -21.99 1.81 -2.38
N GLN A 131 -22.94 2.42 -1.68
CA GLN A 131 -23.52 1.81 -0.49
C GLN A 131 -24.90 1.27 -0.83
N LEU A 132 -25.09 -0.05 -0.67
CA LEU A 132 -26.39 -0.67 -0.89
C LEU A 132 -27.33 -0.38 0.28
N LYS A 133 -28.64 -0.49 0.02
CA LYS A 133 -29.61 -0.30 1.10
C LYS A 133 -29.35 -1.22 2.27
N ASP A 134 -28.80 -2.41 2.02
CA ASP A 134 -28.54 -3.34 3.11
C ASP A 134 -27.22 -3.05 3.82
N GLY A 135 -26.52 -2.00 3.42
CA GLY A 135 -25.31 -1.58 4.10
C GLY A 135 -24.02 -2.07 3.49
N THR A 136 -24.09 -3.05 2.57
CA THR A 136 -22.91 -3.44 1.81
C THR A 136 -22.28 -2.24 1.12
N ILE A 137 -20.95 -2.19 1.08
CA ILE A 137 -20.25 -1.12 0.37
C ILE A 137 -19.36 -1.75 -0.69
N LEU A 138 -19.49 -1.26 -1.92
CA LEU A 138 -18.61 -1.60 -3.02
C LEU A 138 -17.66 -0.43 -3.26
N CYS A 139 -16.39 -0.73 -3.55
CA CYS A 139 -15.40 0.31 -3.88
C CYS A 139 -14.72 -0.10 -5.18
N ALA A 140 -15.15 0.50 -6.29
CA ALA A 140 -14.56 0.21 -7.58
C ALA A 140 -13.28 1.01 -7.78
N SER A 141 -12.33 0.42 -8.48
CA SER A 141 -11.08 1.11 -8.76
C SER A 141 -10.52 0.57 -10.08
N TYR A 142 -9.31 1.01 -10.42
CA TYR A 142 -8.55 0.47 -11.54
C TYR A 142 -7.10 0.86 -11.33
N GLY A 143 -6.20 0.23 -12.08
CA GLY A 143 -4.79 0.26 -11.72
C GLY A 143 -3.83 0.48 -12.88
N TRP A 144 -2.58 0.82 -12.50
CA TRP A 144 -1.45 1.06 -13.38
C TRP A 144 -0.26 0.27 -12.88
N ALA A 145 0.40 -0.48 -13.77
CA ALA A 145 1.61 -1.19 -13.39
C ALA A 145 2.84 -0.52 -13.96
N PHE A 146 3.99 -0.75 -13.34
CA PHE A 146 5.22 -0.07 -13.73
C PHE A 146 6.25 -1.14 -14.06
N LEU A 147 6.55 -1.29 -15.34
CA LEU A 147 7.34 -2.41 -15.81
C LEU A 147 8.74 -1.96 -16.17
N ARG A 148 9.66 -2.92 -16.13
CA ARG A 148 11.05 -2.72 -16.52
C ARG A 148 11.18 -3.06 -18.00
N PRO A 149 12.32 -2.68 -18.63
CA PRO A 149 12.40 -2.81 -20.10
C PRO A 149 12.16 -4.20 -20.63
N ASP A 150 12.64 -5.25 -19.96
CA ASP A 150 12.37 -6.58 -20.47
C ASP A 150 10.88 -6.93 -20.37
N GLY A 151 10.19 -6.39 -19.37
CA GLY A 151 8.75 -6.58 -19.32
C GLY A 151 8.04 -5.88 -20.47
N MSE A 152 8.41 -4.64 -20.74
CA MSE A 152 7.77 -3.87 -21.80
C MSE A 152 7.90 -4.62 -23.14
O MSE A 152 6.94 -4.71 -23.89
CB MSE A 152 8.38 -2.49 -21.91
CG MSE A 152 8.23 -1.64 -20.67
SE MSE A 152 6.37 -1.21 -20.38
CE MSE A 152 5.95 -0.46 -22.13
N GLU A 153 9.09 -5.17 -23.38
CA GLU A 153 9.33 -5.88 -24.65
C GLU A 153 8.43 -7.08 -24.82
N ASN A 154 7.97 -7.70 -23.72
CA ASN A 154 7.24 -8.95 -23.81
C ASN A 154 5.73 -8.80 -23.67
N LEU A 155 5.23 -7.57 -23.60
CA LEU A 155 3.80 -7.35 -23.43
C LEU A 155 3.02 -7.89 -24.61
N LYS A 156 1.95 -8.63 -24.32
CA LYS A 156 0.98 -8.93 -25.36
C LYS A 156 0.26 -7.65 -25.76
N LYS A 157 0.03 -7.49 -27.06
CA LYS A 157 -0.62 -6.30 -27.60
C LYS A 157 -2.04 -6.61 -28.03
N PRO A 158 -2.93 -5.61 -28.00
CA PRO A 158 -2.70 -4.23 -27.59
C PRO A 158 -2.65 -4.05 -26.06
N TYR A 159 -1.92 -3.04 -25.62
CA TYR A 159 -1.94 -2.60 -24.23
C TYR A 159 -1.99 -1.08 -24.22
N PHE A 160 -2.31 -0.51 -23.07
CA PHE A 160 -2.44 0.94 -22.98
C PHE A 160 -1.36 1.50 -22.07
N LEU A 161 -0.57 2.41 -22.64
CA LEU A 161 0.61 3.00 -21.98
C LEU A 161 0.36 4.49 -21.77
N ALA A 162 0.54 4.95 -20.54
CA ALA A 162 0.40 6.37 -20.27
C ALA A 162 1.35 6.72 -19.13
N GLY A 163 2.08 7.82 -19.29
CA GLY A 163 3.00 8.24 -18.25
C GLY A 163 4.04 7.19 -17.90
N GLY A 164 4.36 6.32 -18.84
CA GLY A 164 5.30 5.25 -18.59
C GLY A 164 4.72 4.06 -17.87
N ALA A 165 3.42 4.04 -17.61
CA ALA A 165 2.75 2.97 -16.90
C ALA A 165 1.84 2.20 -17.85
N VAL A 166 1.60 0.92 -17.54
CA VAL A 166 0.78 0.04 -18.37
C VAL A 166 -0.51 -0.25 -17.63
N PHE A 167 -1.63 -0.02 -18.31
CA PHE A 167 -2.95 -0.06 -17.68
C PHE A 167 -3.30 -1.47 -17.18
N LEU A 168 -3.89 -1.55 -15.99
CA LEU A 168 -4.36 -2.84 -15.47
C LEU A 168 -5.87 -3.03 -15.54
N GLY A 169 -6.62 -1.97 -15.81
CA GLY A 169 -8.06 -2.13 -15.77
C GLY A 169 -8.58 -2.27 -14.35
N GLY A 170 -9.83 -2.75 -14.26
CA GLY A 170 -10.60 -2.58 -13.05
C GLY A 170 -10.38 -3.66 -11.99
N TYR A 171 -10.74 -3.28 -10.75
CA TYR A 171 -10.90 -4.22 -9.65
C TYR A 171 -11.83 -3.56 -8.64
N VAL A 172 -12.56 -4.38 -7.89
CA VAL A 172 -13.58 -3.90 -6.97
C VAL A 172 -13.34 -4.55 -5.62
N LEU A 173 -13.33 -3.75 -4.56
CA LEU A 173 -13.33 -4.25 -3.19
C LEU A 173 -14.73 -4.16 -2.61
N ARG A 174 -15.01 -5.02 -1.65
CA ARG A 174 -16.33 -5.16 -1.08
C ARG A 174 -16.23 -5.24 0.44
N SER A 175 -17.12 -4.54 1.14
CA SER A 175 -17.17 -4.63 2.60
C SER A 175 -18.59 -4.92 3.03
N THR A 176 -18.73 -5.90 3.92
CA THR A 176 -20.02 -6.20 4.55
C THR A 176 -20.02 -5.84 6.03
N ASP A 177 -19.00 -5.10 6.50
CA ASP A 177 -18.95 -4.69 7.89
C ASP A 177 -18.81 -3.19 8.03
N GLY A 178 -19.41 -2.44 7.10
CA GLY A 178 -19.37 -1.00 7.21
C GLY A 178 -18.04 -0.36 6.87
N GLY A 179 -17.20 -1.03 6.10
CA GLY A 179 -15.90 -0.47 5.79
C GLY A 179 -14.83 -0.75 6.81
N LYS A 180 -15.11 -1.59 7.80
CA LYS A 180 -14.05 -1.96 8.74
C LYS A 180 -12.99 -2.81 8.05
N SER A 181 -13.42 -3.70 7.16
CA SER A 181 -12.49 -4.51 6.39
C SER A 181 -13.03 -4.67 4.98
N TRP A 182 -12.13 -4.96 4.05
CA TRP A 182 -12.46 -5.03 2.63
C TRP A 182 -12.01 -6.37 2.10
N GLN A 183 -12.89 -7.04 1.37
CA GLN A 183 -12.56 -8.31 0.76
C GLN A 183 -12.41 -8.10 -0.75
N GLY A 184 -11.67 -9.00 -1.37
CA GLY A 184 -11.36 -8.83 -2.78
C GLY A 184 -9.87 -8.63 -2.94
N PRO A 185 -9.42 -8.12 -4.10
CA PRO A 185 -10.26 -7.59 -5.17
C PRO A 185 -11.03 -8.63 -5.95
N LEU A 186 -12.22 -8.23 -6.40
CA LEU A 186 -12.98 -8.93 -7.41
C LEU A 186 -12.72 -8.25 -8.73
N TYR A 187 -12.47 -9.03 -9.78
CA TYR A 187 -12.17 -8.43 -11.08
C TYR A 187 -13.42 -8.40 -11.95
N PRO A 188 -13.83 -7.23 -12.45
CA PRO A 188 -14.95 -7.18 -13.38
C PRO A 188 -14.64 -8.02 -14.60
N PRO A 189 -15.67 -8.45 -15.34
CA PRO A 189 -15.40 -9.17 -16.58
C PRO A 189 -14.70 -8.27 -17.58
N HIS A 190 -13.91 -8.89 -18.45
CA HIS A 190 -13.55 -8.22 -19.69
C HIS A 190 -14.77 -8.23 -20.60
N ILE A 191 -15.07 -7.09 -21.21
CA ILE A 191 -16.23 -7.01 -22.10
C ILE A 191 -15.75 -6.95 -23.55
N GLU A 192 -16.54 -7.55 -24.43
CA GLU A 192 -16.15 -7.74 -25.83
C GLU A 192 -15.63 -6.49 -26.53
N PRO A 193 -16.22 -5.30 -26.35
CA PRO A 193 -15.70 -4.12 -27.05
C PRO A 193 -14.28 -3.73 -26.67
N GLU A 194 -13.80 -4.11 -25.49
CA GLU A 194 -12.49 -3.68 -25.00
C GLU A 194 -11.36 -4.45 -25.71
N ILE A 195 -10.41 -3.72 -26.28
CA ILE A 195 -9.35 -4.38 -27.03
C ILE A 195 -8.09 -4.68 -26.23
N ASN A 196 -7.88 -4.04 -25.08
CA ASN A 196 -6.59 -4.10 -24.41
C ASN A 196 -6.41 -5.38 -23.60
N TYR A 197 -5.14 -5.74 -23.40
CA TYR A 197 -4.70 -6.66 -22.36
C TYR A 197 -4.07 -5.88 -21.22
N THR A 198 -4.15 -6.42 -20.00
CA THR A 198 -3.49 -5.81 -18.86
C THR A 198 -1.97 -5.96 -18.94
N ALA A 199 -1.28 -5.28 -18.02
CA ALA A 199 0.18 -5.42 -17.96
C ALA A 199 0.61 -6.84 -17.61
N MSE A 200 -0.31 -7.71 -17.23
CA MSE A 200 0.09 -9.05 -16.85
C MSE A 200 -0.47 -10.06 -17.83
O MSE A 200 -0.49 -11.26 -17.55
CB MSE A 200 -0.35 -9.34 -15.41
CG MSE A 200 -0.05 -8.13 -14.50
SE MSE A 200 -0.15 -8.52 -12.58
CE MSE A 200 -1.86 -7.62 -12.29
N GLY A 201 -0.94 -9.56 -18.97
CA GLY A 201 -1.36 -10.41 -20.06
C GLY A 201 -2.78 -10.91 -20.01
N GLU A 202 -3.61 -10.43 -19.09
CA GLU A 202 -4.99 -10.85 -19.03
C GLU A 202 -5.84 -9.94 -19.92
N LYS A 203 -6.98 -10.45 -20.38
CA LYS A 203 -7.93 -9.55 -21.03
C LYS A 203 -8.40 -8.52 -20.02
N LEU A 204 -8.46 -7.26 -20.46
CA LEU A 204 -8.59 -6.15 -19.49
C LEU A 204 -9.95 -6.15 -18.80
N PRO A 205 -10.00 -6.27 -17.47
CA PRO A 205 -11.28 -6.10 -16.76
C PRO A 205 -11.86 -4.71 -16.95
N ALA A 206 -13.19 -4.64 -17.09
CA ALA A 206 -13.85 -3.35 -17.23
C ALA A 206 -13.67 -2.48 -15.97
N TYR A 207 -13.97 -1.19 -16.10
CA TYR A 207 -13.62 -0.19 -15.10
C TYR A 207 -14.35 1.10 -15.44
N ASN A 208 -14.45 2.01 -14.48
CA ASN A 208 -14.75 3.40 -14.81
C ASN A 208 -14.53 4.27 -13.59
N ARG A 209 -14.59 5.58 -13.81
CA ARG A 209 -14.91 6.51 -12.74
C ARG A 209 -16.35 6.94 -12.93
N GLY A 210 -17.14 6.85 -11.87
CA GLY A 210 -18.54 7.24 -11.92
C GLY A 210 -19.34 6.46 -10.90
N ALA A 211 -20.56 6.93 -10.64
CA ALA A 211 -21.42 6.29 -9.68
C ALA A 211 -22.14 5.10 -10.30
N MSE A 212 -22.16 3.99 -9.56
CA MSE A 212 -23.07 2.88 -9.79
C MSE A 212 -24.41 3.27 -9.22
O MSE A 212 -24.51 4.28 -8.55
CB MSE A 212 -22.57 1.60 -9.11
CG MSE A 212 -21.20 1.16 -9.54
SE MSE A 212 -20.66 -0.35 -8.43
CE MSE A 212 -19.04 -0.89 -9.37
N TYR A 213 -25.45 2.46 -9.47
CA TYR A 213 -26.75 2.76 -8.87
C TYR A 213 -27.46 1.44 -8.55
N GLU A 214 -28.04 1.37 -7.36
CA GLU A 214 -28.81 0.19 -6.97
C GLU A 214 -30.25 0.41 -7.44
N GLY A 215 -30.68 -0.37 -8.42
CA GLY A 215 -32.04 -0.20 -8.91
C GLY A 215 -33.07 -0.63 -7.87
N LYS A 216 -34.33 -0.25 -8.14
CA LYS A 216 -35.38 -0.51 -7.14
C LYS A 216 -35.55 -2.01 -6.89
N ASN A 217 -35.23 -2.85 -7.86
CA ASN A 217 -35.32 -4.28 -7.68
C ASN A 217 -34.07 -4.90 -7.07
N GLY A 218 -33.11 -4.08 -6.63
CA GLY A 218 -31.90 -4.58 -6.02
C GLY A 218 -30.77 -4.90 -6.99
N ARG A 219 -31.04 -4.83 -8.29
CA ARG A 219 -30.00 -5.01 -9.28
C ARG A 219 -29.07 -3.78 -9.28
N ILE A 220 -27.77 -4.00 -9.50
CA ILE A 220 -26.80 -2.90 -9.51
C ILE A 220 -26.43 -2.57 -10.95
N LEU A 221 -26.54 -1.30 -11.30
CA LEU A 221 -26.22 -0.77 -12.62
C LEU A 221 -24.84 -0.13 -12.59
N TRP A 222 -24.04 -0.38 -13.63
CA TRP A 222 -22.69 0.18 -13.68
C TRP A 222 -22.38 0.46 -15.14
N VAL A 223 -22.16 1.73 -15.49
CA VAL A 223 -21.76 2.06 -16.85
C VAL A 223 -20.24 2.16 -16.91
N VAL A 224 -19.62 1.27 -17.68
CA VAL A 224 -18.17 1.14 -17.75
C VAL A 224 -17.66 1.67 -19.08
N ALA A 225 -16.36 1.91 -19.13
CA ALA A 225 -15.69 2.40 -20.32
C ALA A 225 -14.93 1.27 -20.96
N ALA A 226 -14.78 1.34 -22.29
CA ALA A 226 -13.96 0.35 -22.99
C ALA A 226 -13.26 1.02 -24.15
N THR A 227 -11.98 0.69 -24.34
CA THR A 227 -11.24 1.13 -25.52
C THR A 227 -11.64 0.22 -26.68
N ASP A 228 -12.26 0.79 -27.71
CA ASP A 228 -12.73 0.00 -28.84
C ASP A 228 -12.02 0.32 -30.14
N ARG A 229 -11.07 1.25 -30.13
CA ARG A 229 -10.21 1.51 -31.29
C ARG A 229 -8.87 1.98 -30.75
N GLN A 230 -7.80 1.59 -31.41
CA GLN A 230 -6.48 1.89 -30.86
C GLN A 230 -5.87 3.15 -31.43
N SER A 231 -5.99 3.39 -32.74
CA SER A 231 -5.44 4.60 -33.35
C SER A 231 -6.39 5.18 -34.39
N PRO A 232 -6.94 6.37 -34.09
CA PRO A 232 -6.71 7.03 -32.80
C PRO A 232 -7.53 6.37 -31.68
N ASN A 233 -7.07 6.52 -30.44
CA ASN A 233 -7.77 5.96 -29.29
C ASN A 233 -9.24 6.39 -29.27
N LYS A 234 -10.14 5.44 -29.06
CA LYS A 234 -11.54 5.76 -28.83
C LYS A 234 -12.11 4.85 -27.75
N THR A 235 -12.98 5.42 -26.91
CA THR A 235 -13.70 4.67 -25.91
C THR A 235 -15.20 4.82 -26.10
N SER A 236 -15.93 3.80 -25.64
CA SER A 236 -17.39 3.80 -25.62
C SER A 236 -17.87 3.30 -24.26
N ASN A 237 -19.15 3.54 -23.97
CA ASN A 237 -19.75 3.16 -22.69
C ASN A 237 -20.72 2.00 -22.89
N HIS A 238 -20.79 1.16 -21.87
CA HIS A 238 -21.54 -0.09 -21.89
C HIS A 238 -22.10 -0.30 -20.49
N LEU A 239 -23.33 -0.80 -20.41
CA LEU A 239 -23.98 -1.05 -19.13
C LEU A 239 -23.71 -2.47 -18.66
N LEU A 240 -23.14 -2.60 -17.46
CA LEU A 240 -23.08 -3.86 -16.76
C LEU A 240 -24.14 -3.90 -15.67
N ILE A 241 -24.58 -5.10 -15.35
CA ILE A 241 -25.61 -5.31 -14.34
C ILE A 241 -25.17 -6.44 -13.43
N SER A 242 -25.33 -6.25 -12.12
CA SER A 242 -25.05 -7.30 -11.14
C SER A 242 -26.34 -7.69 -10.43
N ASP A 243 -26.65 -8.99 -10.42
CA ASP A 243 -27.77 -9.50 -9.65
C ASP A 243 -27.35 -10.18 -8.37
N ASP A 244 -26.09 -10.05 -7.97
CA ASP A 244 -25.65 -10.67 -6.73
C ASP A 244 -24.89 -9.67 -5.87
N LYS A 245 -25.32 -8.41 -5.89
CA LYS A 245 -24.78 -7.36 -5.02
C LYS A 245 -23.29 -7.14 -5.25
N GLY A 246 -22.88 -7.19 -6.52
CA GLY A 246 -21.52 -6.85 -6.89
C GLY A 246 -20.52 -7.99 -6.89
N LEU A 247 -20.94 -9.25 -6.69
CA LEU A 247 -19.99 -10.34 -6.81
C LEU A 247 -19.62 -10.60 -8.26
N THR A 248 -20.58 -10.52 -9.16
CA THR A 248 -20.33 -10.74 -10.58
C THR A 248 -21.16 -9.77 -11.40
N TRP A 249 -20.76 -9.58 -12.66
CA TRP A 249 -21.36 -8.62 -13.57
C TRP A 249 -21.67 -9.30 -14.89
N LYS A 250 -22.80 -8.91 -15.49
CA LYS A 250 -23.16 -9.36 -16.84
C LYS A 250 -23.32 -8.14 -17.75
N TYR A 251 -22.78 -8.27 -18.97
CA TYR A 251 -22.98 -7.25 -19.99
C TYR A 251 -24.46 -7.12 -20.35
N SER A 252 -24.98 -5.91 -20.33
CA SER A 252 -26.37 -5.69 -20.69
C SER A 252 -26.51 -5.07 -22.09
N ALA A 253 -25.90 -3.91 -22.34
CA ALA A 253 -26.12 -3.21 -23.59
C ALA A 253 -25.12 -2.08 -23.79
N PRO A 254 -24.80 -1.70 -25.04
CA PRO A 254 -24.01 -0.48 -25.26
C PRO A 254 -24.80 0.75 -24.85
N VAL A 255 -24.11 1.72 -24.27
CA VAL A 255 -24.74 2.94 -23.75
C VAL A 255 -24.49 4.14 -24.66
N ALA A 256 -23.25 4.34 -25.10
CA ALA A 256 -22.93 5.45 -25.98
C ALA A 256 -21.72 5.06 -26.80
N VAL A 257 -21.88 5.06 -28.12
CA VAL A 257 -20.82 4.69 -29.07
C VAL A 257 -20.90 5.64 -30.25
N ASP A 258 -19.75 6.11 -30.72
CA ASP A 258 -19.71 6.98 -31.88
C ASP A 258 -18.46 6.65 -32.69
N GLU A 259 -18.50 6.96 -33.99
CA GLU A 259 -17.35 6.70 -34.84
C GLU A 259 -16.17 7.59 -34.48
N LYS A 260 -16.42 8.80 -34.00
CA LYS A 260 -15.34 9.72 -33.69
C LYS A 260 -15.29 10.14 -32.22
N VAL A 261 -16.44 10.41 -31.62
CA VAL A 261 -16.47 10.94 -30.25
C VAL A 261 -16.26 9.79 -29.27
N SER A 262 -15.42 10.02 -28.25
CA SER A 262 -15.19 9.04 -27.18
C SER A 262 -16.12 9.33 -26.01
N PHE A 263 -16.55 8.26 -25.35
CA PHE A 263 -17.31 8.34 -24.10
C PHE A 263 -16.52 7.56 -23.07
N ASN A 264 -16.25 8.17 -21.92
CA ASN A 264 -15.45 7.45 -20.92
C ASN A 264 -16.13 7.51 -19.55
N GLU A 265 -15.82 8.51 -18.73
CA GLU A 265 -16.34 8.51 -17.36
C GLU A 265 -17.85 8.74 -17.34
N ALA A 266 -18.58 7.91 -16.61
CA ALA A 266 -20.04 7.92 -16.66
C ALA A 266 -20.60 7.59 -15.30
N SER A 267 -21.60 8.37 -14.87
CA SER A 267 -22.41 8.02 -13.69
C SER A 267 -23.80 7.58 -14.16
N VAL A 268 -24.35 6.56 -13.50
CA VAL A 268 -25.62 6.00 -13.93
C VAL A 268 -26.65 6.28 -12.85
N TYR A 269 -27.92 6.31 -13.25
CA TYR A 269 -29.01 6.70 -12.36
C TYR A 269 -30.30 6.03 -12.82
N GLU A 270 -31.14 5.62 -11.87
CA GLU A 270 -32.46 5.10 -12.19
C GLU A 270 -33.50 6.07 -11.67
N THR A 271 -34.44 6.47 -12.54
CA THR A 271 -35.45 7.45 -12.16
C THR A 271 -36.61 6.78 -11.44
N PRO A 272 -37.47 7.55 -10.77
CA PRO A 272 -38.63 6.93 -10.10
C PRO A 272 -39.51 6.14 -11.04
N LYS A 273 -39.67 6.58 -12.28
CA LYS A 273 -40.46 5.81 -13.23
C LYS A 273 -39.69 4.64 -13.85
N GLY A 274 -38.41 4.49 -13.53
CA GLY A 274 -37.65 3.31 -13.94
C GLY A 274 -36.80 3.50 -15.17
N ASP A 275 -36.68 4.71 -15.69
CA ASP A 275 -35.70 4.98 -16.74
C ASP A 275 -34.30 4.84 -16.17
N VAL A 276 -33.40 4.32 -16.98
CA VAL A 276 -31.96 4.28 -16.68
C VAL A 276 -31.29 5.39 -17.47
N VAL A 277 -30.61 6.29 -16.77
CA VAL A 277 -29.97 7.45 -17.39
C VAL A 277 -28.47 7.41 -17.07
N ALA A 278 -27.64 7.68 -18.09
CA ALA A 278 -26.19 7.76 -17.91
C ALA A 278 -25.70 9.15 -18.29
N PHE A 279 -24.88 9.76 -17.42
CA PHE A 279 -24.34 11.10 -17.64
C PHE A 279 -22.86 10.98 -17.99
N LEU A 280 -22.48 11.47 -19.17
CA LEU A 280 -21.28 11.01 -19.86
C LEU A 280 -20.26 12.12 -20.10
N ARG A 281 -19.02 11.88 -19.71
CA ARG A 281 -17.88 12.69 -20.14
C ARG A 281 -17.43 12.28 -21.54
N THR A 282 -17.09 13.26 -22.37
CA THR A 282 -16.70 12.99 -23.74
C THR A 282 -15.26 13.40 -24.00
N ALA A 283 -14.70 12.86 -25.08
CA ALA A 283 -13.49 13.38 -25.70
C ALA A 283 -13.79 13.58 -27.19
N GLY A 284 -13.29 14.68 -27.75
CA GLY A 284 -13.58 14.98 -29.14
C GLY A 284 -14.88 15.70 -29.39
N LEU A 285 -15.51 16.24 -28.36
CA LEU A 285 -16.76 16.96 -28.53
C LEU A 285 -16.75 18.24 -27.71
N GLY A 286 -15.59 18.88 -27.62
CA GLY A 286 -15.50 20.19 -26.97
C GLY A 286 -15.91 20.19 -25.52
N ASP A 287 -15.66 19.08 -24.81
CA ASP A 287 -16.05 18.90 -23.40
C ASP A 287 -17.56 18.96 -23.19
N GLN A 288 -18.36 18.68 -24.23
N GLN A 288 -18.34 18.66 -24.23
CA GLN A 288 -19.79 18.68 -24.07
CA GLN A 288 -19.79 18.64 -24.08
C GLN A 288 -20.23 17.49 -23.21
C GLN A 288 -20.21 17.48 -23.19
N ALA A 289 -20.98 17.78 -22.15
CA ALA A 289 -21.51 16.73 -21.28
C ALA A 289 -22.72 16.09 -21.95
N CYS A 290 -22.76 14.77 -22.01
CA CYS A 290 -23.82 14.09 -22.76
C CYS A 290 -24.65 13.18 -21.86
N ILE A 291 -25.77 12.72 -22.41
CA ILE A 291 -26.69 11.86 -21.67
C ILE A 291 -27.17 10.76 -22.61
N ALA A 292 -27.37 9.56 -22.06
CA ALA A 292 -28.02 8.49 -22.80
C ALA A 292 -29.05 7.85 -21.87
N ARG A 293 -30.16 7.40 -22.46
CA ARG A 293 -31.31 6.93 -21.69
C ARG A 293 -31.79 5.56 -22.18
N SER A 294 -32.24 4.73 -21.24
CA SER A 294 -32.90 3.46 -21.54
C SER A 294 -34.29 3.47 -20.90
N VAL A 295 -35.30 3.11 -21.69
CA VAL A 295 -36.65 2.99 -21.16
C VAL A 295 -37.10 1.55 -20.99
N ASP A 296 -36.22 0.57 -21.24
CA ASP A 296 -36.59 -0.83 -21.13
C ASP A 296 -35.72 -1.55 -20.10
N GLY A 297 -35.35 -0.84 -19.04
CA GLY A 297 -34.61 -1.45 -17.96
C GLY A 297 -33.16 -1.72 -18.26
N GLY A 298 -32.56 -1.01 -19.22
CA GLY A 298 -31.16 -1.19 -19.54
C GLY A 298 -30.88 -2.18 -20.66
N LYS A 299 -31.92 -2.70 -21.33
CA LYS A 299 -31.73 -3.64 -22.42
C LYS A 299 -31.24 -2.94 -23.69
N THR A 300 -31.72 -1.73 -23.96
CA THR A 300 -31.27 -0.93 -25.09
C THR A 300 -31.26 0.52 -24.67
N PHE A 301 -30.32 1.28 -25.23
CA PHE A 301 -30.26 2.72 -25.02
C PHE A 301 -30.55 3.45 -26.33
N THR A 302 -31.38 4.49 -26.24
CA THR A 302 -31.62 5.38 -27.36
C THR A 302 -30.37 6.23 -27.61
N ALA A 303 -30.42 7.03 -28.68
CA ALA A 303 -29.23 7.75 -29.12
C ALA A 303 -28.75 8.72 -28.04
N TRP A 304 -27.42 8.84 -27.90
CA TRP A 304 -26.89 9.78 -26.92
C TRP A 304 -27.16 11.22 -27.40
N GLU A 305 -27.32 12.15 -26.43
CA GLU A 305 -27.61 13.55 -26.73
C GLU A 305 -26.63 14.47 -26.01
N LYS A 306 -26.32 15.61 -26.62
CA LYS A 306 -25.67 16.68 -25.86
C LYS A 306 -26.65 17.29 -24.86
N MSE A 307 -26.20 17.48 -23.64
CA MSE A 307 -27.04 18.15 -22.65
C MSE A 307 -27.08 19.66 -22.82
O MSE A 307 -28.00 20.32 -22.32
CB MSE A 307 -26.60 17.78 -21.23
CG MSE A 307 -27.06 16.37 -20.90
SE MSE A 307 -27.03 16.02 -18.98
CE MSE A 307 -25.11 15.85 -18.88
N GLY A 308 -26.11 20.21 -23.55
CA GLY A 308 -26.07 21.63 -23.84
C GLY A 308 -25.11 22.44 -22.98
N PHE A 309 -24.18 21.80 -22.28
CA PHE A 309 -23.20 22.54 -21.49
C PHE A 309 -21.89 21.76 -21.43
N GLN A 310 -20.83 22.47 -21.02
CA GLN A 310 -19.51 21.86 -20.80
C GLN A 310 -19.34 21.49 -19.33
N GLY A 311 -18.73 20.34 -19.10
CA GLY A 311 -18.36 19.91 -17.77
C GLY A 311 -18.10 18.41 -17.75
N HIS A 312 -17.33 17.99 -16.77
CA HIS A 312 -17.00 16.58 -16.57
C HIS A 312 -16.21 16.40 -15.28
N PRO A 313 -16.18 15.18 -14.73
CA PRO A 313 -17.17 14.15 -15.04
C PRO A 313 -18.44 14.51 -14.26
N MSE A 314 -19.50 13.72 -14.43
CA MSE A 314 -20.79 14.02 -13.81
C MSE A 314 -21.09 13.04 -12.68
O MSE A 314 -20.66 11.88 -12.73
CB MSE A 314 -21.92 13.97 -14.86
CG MSE A 314 -22.29 15.34 -15.48
SE MSE A 314 -20.85 16.10 -16.52
CE MSE A 314 -20.54 14.69 -17.86
N HIS A 315 -21.84 13.51 -11.67
CA HIS A 315 -22.35 12.69 -10.59
C HIS A 315 -23.80 13.08 -10.32
N ALA A 316 -24.68 12.10 -10.11
CA ALA A 316 -26.10 12.38 -9.87
C ALA A 316 -26.51 11.85 -8.50
N LEU A 317 -27.23 12.69 -7.74
CA LEU A 317 -27.74 12.35 -6.43
C LEU A 317 -29.24 12.64 -6.37
N ARG A 318 -30.04 11.66 -5.96
CA ARG A 318 -31.47 11.88 -5.78
C ARG A 318 -31.67 12.67 -4.50
N LEU A 319 -32.34 13.83 -4.58
CA LEU A 319 -32.62 14.66 -3.42
C LEU A 319 -33.90 14.18 -2.72
N PRO A 320 -34.18 14.67 -1.51
CA PRO A 320 -35.35 14.14 -0.79
C PRO A 320 -36.68 14.37 -1.48
N ASP A 321 -36.79 15.32 -2.41
CA ASP A 321 -38.04 15.54 -3.13
C ASP A 321 -38.02 14.89 -4.50
N ASN A 322 -37.05 14.01 -4.77
CA ASN A 322 -36.84 13.22 -5.98
C ASN A 322 -36.27 14.03 -7.13
N ARG A 323 -36.08 15.35 -7.00
CA ARG A 323 -35.25 16.04 -7.97
C ARG A 323 -33.83 15.49 -7.88
N VAL A 324 -32.99 15.82 -8.86
CA VAL A 324 -31.68 15.17 -9.02
C VAL A 324 -30.60 16.25 -9.09
N LEU A 325 -29.66 16.20 -8.13
CA LEU A 325 -28.51 17.09 -8.15
C LEU A 325 -27.44 16.49 -9.06
N LEU A 326 -27.14 17.17 -10.16
CA LEU A 326 -26.10 16.76 -11.10
C LEU A 326 -24.91 17.67 -10.90
N SER A 327 -23.80 17.13 -10.39
N SER A 327 -23.80 17.15 -10.37
CA SER A 327 -22.59 17.91 -10.14
CA SER A 327 -22.62 17.99 -10.17
C SER A 327 -21.52 17.56 -11.17
C SER A 327 -21.52 17.57 -11.13
N TYR A 328 -20.66 18.53 -11.47
CA TYR A 328 -19.59 18.29 -12.44
C TYR A 328 -18.45 19.28 -12.25
N GLY A 329 -17.27 18.86 -12.70
CA GLY A 329 -16.14 19.76 -12.74
C GLY A 329 -16.23 20.70 -13.93
N TYR A 330 -15.67 21.90 -13.76
CA TYR A 330 -15.67 22.90 -14.81
C TYR A 330 -14.21 23.31 -15.07
N ARG A 331 -13.59 22.63 -16.01
CA ARG A 331 -12.17 22.85 -16.29
C ARG A 331 -11.99 23.84 -17.42
N HIS A 332 -12.68 24.98 -17.28
CA HIS A 332 -12.54 26.14 -18.16
C HIS A 332 -12.52 27.36 -17.27
N LYS A 333 -12.12 28.50 -17.81
CA LYS A 333 -12.15 29.74 -17.03
C LYS A 333 -13.59 30.17 -16.74
N PRO A 334 -13.88 30.51 -15.49
CA PRO A 334 -13.03 30.40 -14.31
C PRO A 334 -13.09 28.98 -13.72
N LEU A 335 -11.94 28.40 -13.43
CA LEU A 335 -11.85 26.99 -13.08
C LEU A 335 -12.59 26.68 -11.79
N GLY A 336 -13.39 25.62 -11.79
CA GLY A 336 -14.01 25.19 -10.55
C GLY A 336 -15.04 24.08 -10.67
N ILE A 337 -16.16 24.23 -9.96
CA ILE A 337 -17.13 23.17 -9.73
C ILE A 337 -18.51 23.77 -9.95
N ARG A 338 -19.38 23.04 -10.66
CA ARG A 338 -20.73 23.52 -10.94
C ARG A 338 -21.74 22.38 -10.78
N ALA A 339 -23.02 22.74 -10.86
CA ALA A 339 -24.08 21.75 -10.72
C ALA A 339 -25.39 22.32 -11.26
N ARG A 340 -26.36 21.43 -11.47
CA ARG A 340 -27.71 21.86 -11.75
C ARG A 340 -28.68 20.82 -11.20
N ILE A 341 -29.89 21.25 -10.86
CA ILE A 341 -30.87 20.35 -10.26
C ILE A 341 -31.90 20.02 -11.32
N LEU A 342 -32.00 18.73 -11.66
CA LEU A 342 -32.90 18.27 -12.70
C LEU A 342 -34.22 17.81 -12.07
N ASN A 343 -35.27 17.77 -12.89
CA ASN A 343 -36.51 17.16 -12.42
C ASN A 343 -36.29 15.65 -12.21
N ALA A 344 -37.30 14.99 -11.61
CA ALA A 344 -37.12 13.60 -11.19
C ALA A 344 -36.72 12.69 -12.34
N GLU A 345 -37.26 12.94 -13.53
CA GLU A 345 -36.95 12.06 -14.67
C GLU A 345 -35.73 12.53 -15.47
N CYS A 346 -35.06 13.59 -15.04
CA CYS A 346 -33.80 14.04 -15.65
C CYS A 346 -33.97 14.41 -17.12
N THR A 347 -35.09 15.06 -17.44
CA THR A 347 -35.36 15.47 -18.82
C THR A 347 -35.06 16.93 -19.10
N ASP A 348 -34.94 17.76 -18.06
CA ASP A 348 -34.89 19.20 -18.23
C ASP A 348 -33.48 19.78 -18.06
N PHE A 349 -32.46 19.01 -18.47
CA PHE A 349 -31.08 19.45 -18.25
C PHE A 349 -30.77 20.71 -19.04
N ALA A 350 -31.50 20.96 -20.14
CA ALA A 350 -31.22 22.15 -20.94
C ALA A 350 -31.78 23.41 -20.30
N THR A 351 -32.80 23.31 -19.46
CA THR A 351 -33.40 24.49 -18.87
C THR A 351 -33.06 24.68 -17.39
N ALA A 352 -32.46 23.69 -16.75
CA ALA A 352 -32.17 23.80 -15.33
C ALA A 352 -31.03 24.79 -15.12
N PRO A 353 -31.17 25.77 -14.24
CA PRO A 353 -30.15 26.81 -14.11
C PRO A 353 -28.89 26.26 -13.46
N GLU A 354 -27.74 26.76 -13.90
CA GLU A 354 -26.47 26.25 -13.42
C GLU A 354 -26.07 26.92 -12.10
N ILE A 355 -25.70 26.11 -11.13
CA ILE A 355 -25.25 26.53 -9.81
C ILE A 355 -23.72 26.58 -9.87
N VAL A 356 -23.12 27.73 -9.58
CA VAL A 356 -21.66 27.83 -9.65
C VAL A 356 -21.11 27.73 -8.23
N LEU A 357 -20.40 26.63 -7.93
CA LEU A 357 -19.94 26.43 -6.55
C LEU A 357 -18.53 26.99 -6.31
N ARG A 358 -17.63 26.90 -7.28
CA ARG A 358 -16.26 27.38 -7.11
C ARG A 358 -15.79 27.98 -8.42
N THR A 359 -15.08 29.10 -8.32
CA THR A 359 -14.46 29.76 -9.47
C THR A 359 -12.98 30.02 -9.25
N ASP A 360 -12.41 29.59 -8.12
CA ASP A 360 -11.08 30.00 -7.68
C ASP A 360 -10.00 28.95 -7.94
N GLY A 361 -10.23 28.03 -8.87
CA GLY A 361 -9.23 26.98 -9.10
C GLY A 361 -7.96 27.52 -9.72
N GLY A 362 -6.84 26.88 -9.39
CA GLY A 362 -5.53 27.25 -9.92
C GLY A 362 -5.26 26.65 -11.30
N THR A 363 -5.10 25.34 -11.37
CA THR A 363 -4.90 24.60 -12.61
C THR A 363 -6.10 23.69 -12.86
N THR A 364 -6.13 23.09 -14.06
CA THR A 364 -7.22 22.20 -14.43
C THR A 364 -7.21 20.88 -13.64
N ASP A 365 -6.20 20.63 -12.81
CA ASP A 365 -6.12 19.38 -12.04
C ASP A 365 -6.96 19.55 -10.78
N LEU A 366 -8.28 19.43 -10.96
CA LEU A 366 -9.29 19.58 -9.91
C LEU A 366 -10.57 18.96 -10.44
N GLY A 367 -11.62 18.96 -9.61
CA GLY A 367 -12.94 18.55 -10.06
C GLY A 367 -13.40 17.20 -9.51
N TYR A 368 -13.98 16.38 -10.37
CA TYR A 368 -14.54 15.08 -9.99
C TYR A 368 -15.45 15.18 -8.76
N PRO A 369 -16.48 16.02 -8.80
CA PRO A 369 -17.34 16.14 -7.62
C PRO A 369 -18.19 14.90 -7.38
N TRP A 370 -18.59 14.75 -6.13
CA TRP A 370 -19.40 13.62 -5.67
C TRP A 370 -20.21 14.10 -4.48
N ALA A 371 -21.53 14.03 -4.55
CA ALA A 371 -22.38 14.61 -3.53
C ALA A 371 -22.98 13.54 -2.62
N VAL A 372 -23.28 13.93 -1.39
CA VAL A 372 -23.94 13.06 -0.43
C VAL A 372 -24.92 13.89 0.38
N GLN A 373 -26.06 13.29 0.71
CA GLN A 373 -27.07 13.97 1.52
C GLN A 373 -26.61 13.98 2.97
N LEU A 374 -26.51 15.16 3.57
CA LEU A 374 -26.15 15.25 4.98
C LEU A 374 -27.36 15.06 5.89
N ASP A 375 -28.45 15.76 5.58
CA ASP A 375 -29.74 15.59 6.25
C ASP A 375 -30.80 16.09 5.28
N LYS A 376 -32.03 16.22 5.78
CA LYS A 376 -33.15 16.54 4.89
C LYS A 376 -32.91 17.80 4.08
N ASN A 377 -32.19 18.78 4.62
CA ASN A 377 -32.08 20.05 3.91
C ASN A 377 -30.66 20.40 3.46
N ARG A 378 -29.67 19.55 3.66
CA ARG A 378 -28.31 19.90 3.29
C ARG A 378 -27.61 18.76 2.56
N VAL A 379 -26.81 19.16 1.56
CA VAL A 379 -26.01 18.27 0.74
C VAL A 379 -24.55 18.71 0.80
N LEU A 380 -23.64 17.75 0.91
CA LEU A 380 -22.22 18.02 0.74
C LEU A 380 -21.82 17.65 -0.69
N VAL A 381 -21.32 18.61 -1.45
CA VAL A 381 -20.71 18.31 -2.75
C VAL A 381 -19.21 18.27 -2.50
N SER A 382 -18.65 17.07 -2.45
CA SER A 382 -17.20 16.97 -2.35
C SER A 382 -16.56 16.97 -3.74
N TYR A 383 -15.27 17.27 -3.79
CA TYR A 383 -14.50 17.32 -5.03
C TYR A 383 -13.04 17.40 -4.62
N TYR A 384 -12.13 17.27 -5.59
CA TYR A 384 -10.76 17.65 -5.28
C TYR A 384 -10.46 18.97 -5.98
N PHE A 385 -9.43 19.65 -5.48
CA PHE A 385 -9.31 21.06 -5.80
C PHE A 385 -7.86 21.48 -5.64
N ASN A 386 -7.55 22.64 -6.23
CA ASN A 386 -6.30 23.34 -5.99
C ASN A 386 -6.56 24.81 -6.21
N VAL A 387 -5.91 25.64 -5.39
CA VAL A 387 -5.85 27.09 -5.58
C VAL A 387 -4.44 27.43 -6.05
N PRO A 388 -4.17 28.63 -6.57
CA PRO A 388 -2.83 28.94 -7.09
C PRO A 388 -1.74 28.71 -6.04
N GLY A 389 -0.68 28.01 -6.45
CA GLY A 389 0.41 27.66 -5.58
C GLY A 389 0.13 26.57 -4.58
N GLY A 390 -1.05 25.96 -4.59
CA GLY A 390 -1.40 24.98 -3.59
C GLY A 390 -1.44 23.54 -4.11
N PRO A 391 -1.47 22.59 -3.19
CA PRO A 391 -1.54 21.17 -3.56
C PRO A 391 -2.95 20.71 -3.96
N GLN A 392 -3.00 19.55 -4.62
CA GLN A 392 -4.27 18.89 -4.87
C GLN A 392 -4.81 18.32 -3.55
N HIS A 393 -5.99 18.77 -3.15
CA HIS A 393 -6.58 18.38 -1.87
C HIS A 393 -8.06 18.07 -2.06
N ILE A 394 -8.66 17.42 -1.07
CA ILE A 394 -10.10 17.20 -1.07
C ILE A 394 -10.79 18.39 -0.41
N ALA A 395 -11.87 18.85 -1.01
CA ALA A 395 -12.62 19.98 -0.50
C ALA A 395 -14.11 19.70 -0.71
N GLY A 396 -14.95 20.62 -0.27
CA GLY A 396 -16.37 20.45 -0.49
C GLY A 396 -17.10 21.76 -0.33
N SER A 397 -18.32 21.78 -0.85
CA SER A 397 -19.24 22.88 -0.68
C SER A 397 -20.49 22.31 -0.02
N ILE A 398 -20.93 22.91 1.06
CA ILE A 398 -22.17 22.50 1.72
C ILE A 398 -23.31 23.37 1.19
N LEU A 399 -24.34 22.72 0.64
CA LEU A 399 -25.50 23.38 0.06
C LEU A 399 -26.74 23.18 0.93
N GLU A 400 -27.57 24.21 1.02
CA GLU A 400 -28.90 24.09 1.59
C GLU A 400 -29.89 24.01 0.42
N ILE A 401 -30.61 22.91 0.33
CA ILE A 401 -31.60 22.70 -0.73
C ILE A 401 -32.92 22.44 -0.04
N ARG A 402 -33.79 23.43 -0.01
CA ARG A 402 -35.11 23.19 0.57
C ARG A 402 -36.17 22.97 -0.53
N ILE B 39 23.50 -32.46 17.16
CA ILE B 39 23.79 -32.02 18.52
C ILE B 39 22.93 -32.81 19.52
N PRO B 40 23.33 -32.83 20.79
CA PRO B 40 22.62 -33.68 21.77
C PRO B 40 21.35 -33.01 22.28
N GLY B 41 20.25 -33.77 22.29
CA GLY B 41 18.98 -33.26 22.74
C GLY B 41 18.27 -32.33 21.78
N VAL B 42 18.78 -32.15 20.56
CA VAL B 42 18.10 -31.33 19.56
C VAL B 42 17.71 -32.22 18.39
N ARG B 43 16.46 -32.05 17.93
CA ARG B 43 15.92 -32.88 16.87
C ARG B 43 14.99 -32.01 16.04
N LYS B 44 15.19 -32.03 14.73
CA LYS B 44 14.25 -31.35 13.83
C LYS B 44 12.97 -32.16 13.75
N VAL B 45 11.88 -31.58 14.23
CA VAL B 45 10.58 -32.26 14.20
C VAL B 45 10.07 -32.34 12.77
N GLU B 46 9.93 -31.19 12.11
CA GLU B 46 9.54 -31.17 10.71
C GLU B 46 9.65 -29.75 10.15
N ASP B 47 9.50 -29.68 8.83
CA ASP B 47 9.50 -28.44 8.06
C ASP B 47 8.06 -28.06 7.69
N VAL B 48 7.81 -26.77 7.52
CA VAL B 48 6.48 -26.26 7.23
C VAL B 48 6.59 -25.20 6.15
N VAL B 49 5.54 -25.08 5.34
CA VAL B 49 5.36 -23.98 4.39
C VAL B 49 4.45 -22.96 5.04
N ILE B 50 4.94 -21.74 5.25
CA ILE B 50 4.20 -20.74 6.00
C ILE B 50 3.38 -19.84 5.07
N TYR B 51 3.95 -19.46 3.93
CA TYR B 51 3.21 -18.72 2.92
C TYR B 51 3.95 -18.88 1.60
N ARG B 52 3.23 -19.32 0.58
CA ARG B 52 3.79 -19.49 -0.76
C ARG B 52 2.75 -19.14 -1.81
N ASN B 53 3.13 -18.29 -2.75
CA ASN B 53 2.27 -17.93 -3.88
C ASN B 53 3.17 -17.53 -5.03
N GLU B 54 3.08 -18.26 -6.14
CA GLU B 54 3.95 -18.03 -7.30
C GLU B 54 3.87 -16.62 -7.87
N LYS B 55 2.81 -15.87 -7.59
CA LYS B 55 2.75 -14.49 -8.08
C LYS B 55 3.59 -13.54 -7.24
N PHE B 56 4.16 -13.99 -6.12
CA PHE B 56 4.80 -13.08 -5.17
C PHE B 56 6.19 -13.55 -4.80
N HIS B 57 7.03 -12.58 -4.55
CA HIS B 57 8.30 -12.76 -3.86
C HIS B 57 8.03 -12.49 -2.38
N ALA B 58 8.10 -13.54 -1.54
CA ALA B 58 7.87 -13.41 -0.11
C ALA B 58 9.17 -13.71 0.64
N ALA B 59 9.59 -12.78 1.51
CA ALA B 59 10.94 -12.88 2.07
C ALA B 59 11.06 -12.11 3.39
N PHE B 60 12.20 -12.33 4.07
CA PHE B 60 12.66 -11.56 5.22
C PHE B 60 11.67 -11.60 6.38
N PRO B 61 11.42 -12.74 6.99
CA PRO B 61 10.41 -12.81 8.06
C PRO B 61 10.91 -12.43 9.46
N SER B 62 9.94 -12.03 10.28
N SER B 62 9.94 -12.03 10.28
N SER B 62 9.96 -12.00 10.28
CA SER B 62 10.11 -11.81 11.70
CA SER B 62 10.12 -11.81 11.71
CA SER B 62 10.17 -11.91 11.71
C SER B 62 8.85 -12.32 12.39
C SER B 62 8.86 -12.30 12.40
C SER B 62 8.88 -12.34 12.39
N VAL B 63 9.00 -12.88 13.60
CA VAL B 63 7.88 -13.56 14.24
C VAL B 63 7.92 -13.37 15.75
N ILE B 64 6.73 -13.09 16.32
CA ILE B 64 6.51 -13.04 17.76
C ILE B 64 5.35 -13.96 18.11
N LYS B 65 5.21 -14.25 19.40
CA LYS B 65 4.02 -14.92 19.95
C LYS B 65 3.44 -14.04 21.05
N LYS B 66 2.16 -13.68 20.91
CA LYS B 66 1.50 -12.82 21.89
C LYS B 66 1.13 -13.61 23.14
N LYS B 67 0.87 -12.87 24.24
CA LYS B 67 0.55 -13.52 25.53
C LYS B 67 -0.68 -14.43 25.41
N ASN B 68 -1.58 -14.16 24.46
CA ASN B 68 -2.74 -15.00 24.25
C ASN B 68 -2.45 -16.20 23.34
N GLY B 69 -1.18 -16.43 23.01
CA GLY B 69 -0.79 -17.59 22.22
C GLY B 69 -0.76 -17.42 20.72
N GLU B 70 -1.32 -16.34 20.18
CA GLU B 70 -1.31 -16.17 18.71
C GLU B 70 0.11 -15.86 18.23
N ILE B 71 0.55 -16.57 17.21
CA ILE B 71 1.86 -16.36 16.58
C ILE B 71 1.67 -15.47 15.36
N VAL B 72 2.32 -14.32 15.36
CA VAL B 72 2.22 -13.34 14.28
C VAL B 72 3.58 -13.28 13.59
N LEU B 73 3.60 -13.58 12.28
CA LEU B 73 4.81 -13.54 11.48
C LEU B 73 4.65 -12.46 10.42
N ALA B 74 5.55 -11.48 10.42
CA ALA B 74 5.56 -10.42 9.42
C ALA B 74 6.61 -10.71 8.36
N PHE B 75 6.31 -10.33 7.10
CA PHE B 75 7.30 -10.52 6.05
C PHE B 75 7.09 -9.49 4.96
N ARG B 76 8.08 -9.38 4.07
CA ARG B 76 8.00 -8.50 2.91
C ARG B 76 7.34 -9.25 1.76
N ARG B 77 6.29 -8.66 1.18
CA ARG B 77 5.67 -9.24 -0.01
C ARG B 77 5.72 -8.25 -1.15
N ALA B 78 6.22 -8.69 -2.29
CA ALA B 78 6.35 -7.92 -3.53
C ALA B 78 5.94 -8.82 -4.69
N PRO B 79 5.61 -8.25 -5.84
CA PRO B 79 5.31 -9.08 -7.01
C PRO B 79 6.52 -9.89 -7.41
N ASP B 80 6.32 -11.17 -7.73
CA ASP B 80 7.35 -11.84 -8.52
C ASP B 80 7.33 -11.24 -9.92
N ARG B 81 8.42 -10.62 -10.34
CA ARG B 81 8.41 -9.84 -11.58
C ARG B 81 8.08 -10.68 -12.81
N LYS B 82 8.11 -12.01 -12.70
CA LYS B 82 7.68 -12.81 -13.84
C LYS B 82 6.21 -12.59 -14.17
N VAL B 83 5.40 -12.07 -13.24
CA VAL B 83 4.00 -11.75 -13.58
C VAL B 83 3.95 -10.69 -14.66
N PHE B 84 5.00 -9.86 -14.75
CA PHE B 84 5.13 -8.83 -15.74
C PHE B 84 5.98 -9.27 -16.94
N GLY B 85 6.23 -10.57 -17.08
CA GLY B 85 7.10 -11.06 -18.14
C GLY B 85 8.55 -10.66 -18.03
N GLU B 86 9.02 -10.30 -16.84
CA GLU B 86 10.42 -9.93 -16.70
C GLU B 86 11.23 -11.15 -16.29
N LYS B 87 12.54 -11.04 -16.45
CA LYS B 87 13.38 -12.23 -16.34
C LYS B 87 13.60 -12.66 -14.91
N GLY B 88 13.63 -11.72 -13.97
CA GLY B 88 13.87 -12.09 -12.58
C GLY B 88 13.39 -11.00 -11.65
N THR B 89 13.55 -11.26 -10.35
CA THR B 89 13.10 -10.38 -9.28
C THR B 89 14.28 -10.04 -8.38
N ASN B 90 14.41 -8.76 -8.02
CA ASN B 90 15.46 -8.37 -7.07
C ASN B 90 14.81 -7.91 -5.78
N HIS B 91 15.54 -7.11 -4.98
CA HIS B 91 15.01 -6.79 -3.66
C HIS B 91 14.49 -5.35 -3.57
N VAL B 92 14.20 -4.70 -4.69
CA VAL B 92 13.53 -3.40 -4.63
C VAL B 92 12.31 -3.43 -5.55
N ASP B 93 11.23 -2.82 -5.08
CA ASP B 93 9.95 -2.76 -5.78
C ASP B 93 9.10 -1.72 -5.07
N PRO B 94 8.55 -0.72 -5.77
CA PRO B 94 7.70 0.27 -5.09
C PRO B 94 6.51 -0.35 -4.37
N ASN B 95 6.01 -1.50 -4.83
CA ASN B 95 4.85 -2.12 -4.22
C ASN B 95 5.21 -3.25 -3.26
N SER B 96 6.40 -3.24 -2.66
CA SER B 96 6.69 -4.19 -1.60
C SER B 96 6.07 -3.66 -0.31
N TYR B 97 5.23 -4.49 0.31
CA TYR B 97 4.45 -4.12 1.48
C TYR B 97 4.84 -5.02 2.65
N LEU B 98 4.59 -4.54 3.86
CA LEU B 98 4.78 -5.36 5.06
C LEU B 98 3.45 -6.03 5.38
N VAL B 99 3.44 -7.37 5.41
CA VAL B 99 2.22 -8.14 5.59
C VAL B 99 2.48 -9.22 6.62
N SER B 100 1.41 -9.86 7.09
CA SER B 100 1.54 -10.85 8.15
C SER B 100 0.64 -12.05 7.88
N VAL B 101 1.06 -13.21 8.40
CA VAL B 101 0.19 -14.37 8.56
C VAL B 101 0.29 -14.80 10.02
N LYS B 102 -0.72 -15.57 10.46
CA LYS B 102 -0.87 -15.88 11.87
C LYS B 102 -1.06 -17.37 12.07
N SER B 103 -0.74 -17.83 13.28
CA SER B 103 -0.82 -19.25 13.61
C SER B 103 -1.03 -19.42 15.11
N LYS B 104 -1.66 -20.55 15.47
CA LYS B 104 -1.82 -20.90 16.88
C LYS B 104 -0.83 -21.97 17.32
N ASP B 105 -0.26 -22.72 16.37
CA ASP B 105 0.64 -23.83 16.67
C ASP B 105 1.94 -23.80 15.87
N GLY B 106 2.09 -22.86 14.94
CA GLY B 106 3.27 -22.83 14.09
C GLY B 106 3.26 -23.78 12.92
N LYS B 107 2.22 -24.61 12.79
CA LYS B 107 2.10 -25.55 11.67
C LYS B 107 1.11 -25.12 10.61
N THR B 108 -0.07 -24.65 10.99
CA THR B 108 -1.07 -24.17 10.04
C THR B 108 -1.22 -22.67 10.17
N TRP B 109 -1.29 -21.99 9.03
CA TRP B 109 -1.20 -20.54 8.97
C TRP B 109 -2.37 -19.98 8.18
N THR B 110 -2.84 -18.81 8.59
CA THR B 110 -3.83 -18.09 7.80
C THR B 110 -3.35 -17.99 6.35
N PRO B 111 -4.19 -18.31 5.36
CA PRO B 111 -3.71 -18.35 3.97
C PRO B 111 -3.65 -17.00 3.28
N GLU B 112 -4.34 -15.99 3.77
CA GLU B 112 -4.37 -14.68 3.12
C GLU B 112 -3.67 -13.65 4.00
N PRO B 113 -2.51 -13.12 3.58
CA PRO B 113 -1.76 -12.19 4.45
C PRO B 113 -2.54 -10.91 4.74
N GLU B 114 -2.47 -10.45 5.99
CA GLU B 114 -3.03 -9.16 6.34
C GLU B 114 -1.97 -8.09 6.14
N LEU B 115 -2.40 -6.87 5.85
CA LEU B 115 -1.45 -5.80 5.62
C LEU B 115 -1.04 -5.18 6.95
N ILE B 116 0.26 -5.08 7.17
CA ILE B 116 0.77 -4.26 8.27
C ILE B 116 0.98 -2.82 7.81
N TYR B 117 1.67 -2.64 6.67
CA TYR B 117 1.98 -1.28 6.26
C TYR B 117 2.36 -1.25 4.79
N SER B 118 1.77 -0.29 4.06
N SER B 118 1.80 -0.26 4.08
CA SER B 118 2.25 0.16 2.75
CA SER B 118 2.27 0.14 2.76
C SER B 118 2.75 1.59 2.92
C SER B 118 2.74 1.58 2.87
N HIS B 119 4.02 1.82 2.61
CA HIS B 119 4.58 3.16 2.76
C HIS B 119 4.07 4.07 1.64
N PRO B 120 3.58 5.27 1.97
CA PRO B 120 3.06 6.16 0.92
C PRO B 120 4.12 6.61 -0.09
N PHE B 121 5.43 6.49 0.23
CA PHE B 121 6.47 7.04 -0.63
C PHE B 121 7.34 5.99 -1.32
N GLY B 122 7.02 4.71 -1.20
CA GLY B 122 7.85 3.73 -1.88
C GLY B 122 7.68 2.35 -1.29
N GLY B 123 8.65 1.48 -1.58
CA GLY B 123 8.56 0.09 -1.16
C GLY B 123 9.21 -0.12 0.20
N SER B 124 8.69 -1.08 0.97
CA SER B 124 9.16 -1.33 2.33
C SER B 124 9.86 -2.68 2.42
N GLN B 125 10.80 -2.78 3.35
CA GLN B 125 11.70 -3.93 3.48
C GLN B 125 11.59 -4.57 4.86
N ASP B 126 12.06 -5.82 4.93
CA ASP B 126 12.50 -6.52 6.14
C ASP B 126 11.76 -6.08 7.41
N PRO B 127 10.48 -6.42 7.57
CA PRO B 127 9.78 -6.05 8.80
C PRO B 127 10.39 -6.76 10.00
N CYS B 128 10.76 -5.99 11.02
CA CYS B 128 11.41 -6.54 12.20
C CYS B 128 10.56 -6.23 13.43
N LEU B 129 9.96 -7.29 13.97
CA LEU B 129 9.01 -7.20 15.08
C LEU B 129 9.72 -7.30 16.42
N LEU B 130 9.35 -6.41 17.35
CA LEU B 130 9.72 -6.57 18.76
C LEU B 130 8.44 -6.48 19.58
N GLN B 131 8.21 -7.45 20.45
CA GLN B 131 7.10 -7.38 21.40
C GLN B 131 7.63 -7.07 22.79
N LEU B 132 7.17 -5.98 23.36
CA LEU B 132 7.59 -5.61 24.70
C LEU B 132 6.85 -6.49 25.72
N LYS B 133 7.39 -6.55 26.94
CA LYS B 133 6.73 -7.34 27.98
C LYS B 133 5.32 -6.82 28.28
N ASP B 134 5.12 -5.51 28.15
CA ASP B 134 3.78 -4.95 28.37
C ASP B 134 2.85 -5.15 27.19
N GLY B 135 3.30 -5.79 26.11
CA GLY B 135 2.46 -6.11 24.99
C GLY B 135 2.59 -5.18 23.79
N THR B 136 3.17 -3.99 23.97
CA THR B 136 3.43 -3.12 22.83
C THR B 136 4.25 -3.87 21.78
N ILE B 137 3.94 -3.64 20.49
CA ILE B 137 4.70 -4.24 19.40
C ILE B 137 5.30 -3.14 18.54
N LEU B 138 6.60 -3.25 18.26
CA LEU B 138 7.27 -2.39 17.31
C LEU B 138 7.55 -3.18 16.03
N CYS B 139 7.41 -2.53 14.89
CA CYS B 139 7.73 -3.15 13.60
C CYS B 139 8.66 -2.19 12.86
N ALA B 140 9.97 -2.46 12.92
CA ALA B 140 10.92 -1.62 12.21
C ALA B 140 10.97 -2.03 10.73
N SER B 141 11.30 -1.06 9.88
CA SER B 141 11.41 -1.31 8.45
C SER B 141 12.30 -0.23 7.87
N TYR B 142 12.42 -0.23 6.54
CA TYR B 142 13.11 0.82 5.81
C TYR B 142 12.64 0.71 4.37
N GLY B 143 12.93 1.76 3.57
CA GLY B 143 12.24 1.91 2.31
C GLY B 143 13.11 2.34 1.15
N TRP B 144 12.50 2.23 -0.03
CA TRP B 144 13.11 2.56 -1.30
C TRP B 144 12.13 3.42 -2.07
N ALA B 145 12.61 4.51 -2.67
CA ALA B 145 11.79 5.38 -3.49
C ALA B 145 12.23 5.23 -4.95
N PHE B 146 11.30 5.49 -5.85
CA PHE B 146 11.52 5.31 -7.27
C PHE B 146 11.30 6.65 -7.96
N LEU B 147 12.39 7.28 -8.41
CA LEU B 147 12.31 8.66 -8.88
C LEU B 147 12.35 8.73 -10.40
N ARG B 148 11.86 9.87 -10.93
CA ARG B 148 11.94 10.12 -12.36
C ARG B 148 13.22 10.89 -12.67
N PRO B 149 13.63 10.95 -13.94
CA PRO B 149 14.96 11.52 -14.25
C PRO B 149 15.20 12.90 -13.70
N ASP B 150 14.22 13.80 -13.78
CA ASP B 150 14.47 15.14 -13.27
C ASP B 150 14.63 15.13 -11.75
N GLY B 151 13.97 14.20 -11.06
CA GLY B 151 14.20 14.07 -9.64
C GLY B 151 15.61 13.55 -9.35
N MSE B 152 16.06 12.58 -10.12
CA MSE B 152 17.40 12.03 -9.98
C MSE B 152 18.45 13.11 -10.14
O MSE B 152 19.42 13.15 -9.38
CB MSE B 152 17.65 10.92 -11.01
CG MSE B 152 16.81 9.65 -10.85
SE MSE B 152 17.15 8.77 -9.15
CE MSE B 152 19.08 8.46 -9.32
N GLU B 153 18.28 13.98 -11.15
CA GLU B 153 19.26 15.03 -11.42
C GLU B 153 19.39 16.01 -10.25
N ASN B 154 18.32 16.22 -9.48
CA ASN B 154 18.35 17.23 -8.43
C ASN B 154 18.69 16.67 -7.05
N LEU B 155 18.98 15.38 -6.93
CA LEU B 155 19.21 14.79 -5.62
C LEU B 155 20.37 15.42 -4.87
N LYS B 156 20.17 15.67 -3.59
CA LYS B 156 21.29 16.06 -2.74
C LYS B 156 22.21 14.86 -2.52
N LYS B 157 23.52 15.06 -2.68
CA LYS B 157 24.51 13.98 -2.46
C LYS B 157 25.12 14.07 -1.06
N PRO B 158 25.57 12.92 -0.50
CA PRO B 158 25.51 11.56 -1.03
C PRO B 158 24.10 10.95 -0.89
N TYR B 159 23.72 10.09 -1.81
CA TYR B 159 22.54 9.27 -1.64
C TYR B 159 22.91 7.86 -2.06
N PHE B 160 22.07 6.90 -1.67
CA PHE B 160 22.36 5.49 -1.94
C PHE B 160 21.40 4.95 -2.98
N LEU B 161 21.94 4.48 -4.09
CA LEU B 161 21.15 4.00 -5.24
C LEU B 161 21.39 2.51 -5.42
N ALA B 162 20.29 1.74 -5.53
CA ALA B 162 20.41 0.32 -5.82
C ALA B 162 19.18 -0.14 -6.61
N GLY B 163 19.41 -0.92 -7.66
CA GLY B 163 18.30 -1.39 -8.47
C GLY B 163 17.47 -0.30 -9.10
N GLY B 164 18.06 0.86 -9.37
CA GLY B 164 17.31 2.00 -9.86
C GLY B 164 16.55 2.78 -8.80
N ALA B 165 16.60 2.36 -7.55
CA ALA B 165 15.85 3.02 -6.50
C ALA B 165 16.79 3.80 -5.57
N VAL B 166 16.24 4.79 -4.88
CA VAL B 166 17.01 5.62 -3.96
C VAL B 166 16.57 5.34 -2.52
N PHE B 167 17.55 5.15 -1.64
CA PHE B 167 17.26 4.66 -0.30
C PHE B 167 16.54 5.71 0.53
N LEU B 168 15.51 5.27 1.28
CA LEU B 168 14.82 6.15 2.21
C LEU B 168 15.26 5.99 3.66
N GLY B 169 15.93 4.90 3.98
CA GLY B 169 16.26 4.67 5.38
C GLY B 169 15.08 4.21 6.19
N GLY B 170 15.23 4.31 7.52
CA GLY B 170 14.35 3.61 8.44
C GLY B 170 13.05 4.34 8.78
N TYR B 171 12.11 3.52 9.23
CA TYR B 171 10.87 3.96 9.86
C TYR B 171 10.30 2.81 10.67
N VAL B 172 9.55 3.13 11.71
CA VAL B 172 9.11 2.14 12.69
C VAL B 172 7.62 2.34 12.97
N LEU B 173 6.88 1.25 12.92
CA LEU B 173 5.47 1.24 13.26
C LEU B 173 5.30 0.71 14.67
N ARG B 174 4.20 1.12 15.29
CA ARG B 174 3.99 0.87 16.71
C ARG B 174 2.54 0.47 16.90
N SER B 175 2.30 -0.63 17.63
CA SER B 175 0.95 -1.08 17.91
C SER B 175 0.78 -1.25 19.42
N THR B 176 -0.27 -0.65 19.97
CA THR B 176 -0.59 -0.79 21.39
C THR B 176 -1.87 -1.57 21.60
N ASP B 177 -2.38 -2.23 20.56
CA ASP B 177 -3.59 -3.04 20.64
C ASP B 177 -3.35 -4.44 20.09
N GLY B 178 -2.15 -4.98 20.26
CA GLY B 178 -1.88 -6.35 19.83
C GLY B 178 -1.77 -6.56 18.33
N GLY B 179 -1.46 -5.52 17.55
CA GLY B 179 -1.33 -5.68 16.11
C GLY B 179 -2.61 -5.50 15.33
N LYS B 180 -3.69 -5.06 15.97
CA LYS B 180 -4.90 -4.73 15.25
C LYS B 180 -4.69 -3.48 14.39
N SER B 181 -4.07 -2.45 14.96
CA SER B 181 -3.77 -1.23 14.22
C SER B 181 -2.34 -0.79 14.53
N TRP B 182 -1.78 -0.02 13.60
CA TRP B 182 -0.39 0.39 13.69
C TRP B 182 -0.35 1.90 13.56
N GLN B 183 0.31 2.57 14.50
CA GLN B 183 0.49 3.99 14.39
C GLN B 183 1.91 4.28 13.91
N GLY B 184 2.11 5.49 13.38
CA GLY B 184 3.38 5.85 12.81
C GLY B 184 3.23 6.11 11.32
N PRO B 185 4.34 6.04 10.59
CA PRO B 185 5.64 5.64 11.09
C PRO B 185 6.34 6.68 11.97
N LEU B 186 7.15 6.20 12.90
CA LEU B 186 8.12 7.02 13.63
C LEU B 186 9.47 6.87 12.93
N TYR B 187 10.12 8.00 12.65
CA TYR B 187 11.41 7.97 11.96
C TYR B 187 12.54 7.96 12.98
N PRO B 188 13.40 6.94 12.98
CA PRO B 188 14.56 6.96 13.89
C PRO B 188 15.44 8.17 13.63
N PRO B 189 16.29 8.52 14.58
CA PRO B 189 17.23 9.61 14.34
C PRO B 189 18.16 9.30 13.18
N HIS B 190 18.62 10.36 12.51
CA HIS B 190 19.83 10.26 11.72
C HIS B 190 21.01 10.28 12.66
N ILE B 191 21.93 9.35 12.52
CA ILE B 191 23.08 9.33 13.41
C ILE B 191 24.31 9.84 12.67
N GLU B 192 25.20 10.49 13.44
CA GLU B 192 26.38 11.15 12.89
C GLU B 192 27.17 10.32 11.89
N PRO B 193 27.44 9.02 12.12
CA PRO B 193 28.24 8.27 11.15
C PRO B 193 27.63 8.15 9.76
N GLU B 194 26.30 8.30 9.62
CA GLU B 194 25.64 8.08 8.35
C GLU B 194 25.80 9.27 7.40
N ILE B 195 26.27 9.01 6.19
CA ILE B 195 26.57 10.09 5.26
C ILE B 195 25.43 10.40 4.30
N ASN B 196 24.47 9.50 4.12
CA ASN B 196 23.51 9.61 3.03
C ASN B 196 22.36 10.56 3.38
N TYR B 197 21.79 11.15 2.33
CA TYR B 197 20.48 11.80 2.38
C TYR B 197 19.45 10.88 1.75
N THR B 198 18.20 10.98 2.21
CA THR B 198 17.12 10.21 1.61
C THR B 198 16.76 10.75 0.22
N ALA B 199 15.93 9.99 -0.48
CA ALA B 199 15.37 10.43 -1.75
C ALA B 199 14.58 11.73 -1.63
N MSE B 200 14.22 12.13 -0.42
CA MSE B 200 13.42 13.33 -0.23
C MSE B 200 14.29 14.43 0.36
O MSE B 200 13.80 15.47 0.77
CB MSE B 200 12.18 13.01 0.64
CG MSE B 200 11.61 11.59 0.32
SE MSE B 200 9.72 11.29 0.82
CE MSE B 200 10.00 9.81 2.00
N GLY B 201 15.60 14.21 0.39
CA GLY B 201 16.52 15.26 0.80
C GLY B 201 16.77 15.40 2.28
N GLU B 202 16.27 14.48 3.10
CA GLU B 202 16.52 14.54 4.53
C GLU B 202 17.73 13.69 4.89
N LYS B 203 18.42 14.07 5.97
CA LYS B 203 19.46 13.22 6.53
C LYS B 203 18.86 11.85 6.85
N LEU B 204 19.59 10.79 6.50
CA LEU B 204 18.95 9.46 6.42
C LEU B 204 18.64 8.91 7.81
N PRO B 205 17.38 8.51 8.08
CA PRO B 205 17.06 7.91 9.38
C PRO B 205 17.66 6.52 9.52
N ALA B 206 18.14 6.22 10.74
CA ALA B 206 18.79 4.93 10.99
C ALA B 206 17.82 3.78 10.72
N TYR B 207 18.38 2.56 10.59
CA TYR B 207 17.61 1.39 10.15
C TYR B 207 18.45 0.14 10.41
N ASN B 208 17.80 -1.02 10.30
CA ASN B 208 18.56 -2.26 10.12
C ASN B 208 17.59 -3.42 9.91
N ARG B 209 18.12 -4.56 9.48
CA ARG B 209 17.47 -5.84 9.69
C ARG B 209 18.14 -6.53 10.88
N GLY B 210 17.35 -6.94 11.84
CA GLY B 210 17.83 -7.66 13.00
C GLY B 210 16.89 -7.45 14.16
N ALA B 211 17.04 -8.28 15.20
CA ALA B 211 16.23 -8.17 16.37
C ALA B 211 16.69 -7.03 17.28
N MSE B 212 15.73 -6.21 17.71
CA MSE B 212 15.89 -5.37 18.89
C MSE B 212 15.84 -6.23 20.15
O MSE B 212 15.53 -7.43 20.08
CB MSE B 212 14.75 -4.34 18.95
CG MSE B 212 14.77 -3.35 17.83
SE MSE B 212 13.14 -2.26 18.00
CE MSE B 212 13.35 -1.27 16.37
N TYR B 213 16.11 -5.62 21.30
CA TYR B 213 16.00 -6.37 22.55
C TYR B 213 15.55 -5.45 23.68
N GLU B 214 14.57 -5.91 24.47
CA GLU B 214 14.08 -5.17 25.63
C GLU B 214 14.94 -5.56 26.84
N GLY B 215 15.77 -4.62 27.31
CA GLY B 215 16.60 -4.89 28.46
C GLY B 215 15.78 -5.08 29.73
N LYS B 216 16.42 -5.67 30.75
CA LYS B 216 15.68 -6.05 31.97
C LYS B 216 15.05 -4.85 32.67
N ASN B 217 15.57 -3.64 32.44
CA ASN B 217 14.99 -2.41 33.00
C ASN B 217 13.99 -1.72 32.06
N GLY B 218 13.59 -2.38 30.97
CA GLY B 218 12.65 -1.80 30.02
C GLY B 218 13.25 -0.95 28.93
N ARG B 219 14.55 -0.66 28.99
CA ARG B 219 15.24 -0.02 27.87
C ARG B 219 15.17 -0.92 26.64
N ILE B 220 15.01 -0.32 25.48
CA ILE B 220 15.04 -1.06 24.21
C ILE B 220 16.39 -0.84 23.54
N LEU B 221 17.04 -1.94 23.17
CA LEU B 221 18.32 -1.91 22.48
C LEU B 221 18.13 -2.18 21.00
N TRP B 222 18.83 -1.42 20.16
CA TRP B 222 18.69 -1.53 18.70
C TRP B 222 20.04 -1.25 18.08
N VAL B 223 20.62 -2.25 17.41
CA VAL B 223 21.89 -2.05 16.72
C VAL B 223 21.58 -1.74 15.26
N VAL B 224 21.87 -0.50 14.85
CA VAL B 224 21.50 -0.03 13.51
C VAL B 224 22.75 0.02 12.65
N ALA B 225 22.54 0.17 11.35
CA ALA B 225 23.60 0.26 10.37
C ALA B 225 23.73 1.71 9.89
N ALA B 226 24.96 2.09 9.52
CA ALA B 226 25.19 3.40 8.92
C ALA B 226 26.22 3.26 7.82
N THR B 227 25.98 3.92 6.69
CA THR B 227 26.99 4.01 5.64
C THR B 227 27.98 5.09 6.06
N ASP B 228 29.24 4.73 6.34
CA ASP B 228 30.19 5.75 6.76
C ASP B 228 31.30 6.01 5.75
N ARG B 229 31.24 5.40 4.57
CA ARG B 229 32.16 5.71 3.49
C ARG B 229 31.45 5.45 2.17
N GLN B 230 31.57 6.39 1.24
CA GLN B 230 30.81 6.26 0.00
C GLN B 230 31.48 5.33 -0.99
N SER B 231 32.77 5.51 -1.26
CA SER B 231 33.50 4.67 -2.22
C SER B 231 34.90 4.32 -1.71
N PRO B 232 35.17 3.02 -1.51
CA PRO B 232 34.21 1.91 -1.66
C PRO B 232 33.19 1.94 -0.53
N ASN B 233 31.98 1.47 -0.79
CA ASN B 233 30.95 1.53 0.24
C ASN B 233 31.38 0.78 1.48
N LYS B 234 31.12 1.38 2.65
CA LYS B 234 31.37 0.72 3.93
C LYS B 234 30.26 1.08 4.90
N THR B 235 29.86 0.11 5.73
CA THR B 235 28.89 0.36 6.79
C THR B 235 29.50 -0.05 8.12
N SER B 236 28.97 0.55 9.18
CA SER B 236 29.34 0.21 10.55
C SER B 236 28.07 0.11 11.37
N ASN B 237 28.18 -0.56 12.52
CA ASN B 237 27.06 -0.75 13.43
C ASN B 237 27.20 0.17 14.65
N HIS B 238 26.06 0.58 15.18
CA HIS B 238 25.97 1.53 16.29
C HIS B 238 24.76 1.19 17.13
N LEU B 239 24.86 1.42 18.44
CA LEU B 239 23.79 1.07 19.37
C LEU B 239 22.92 2.29 19.65
N LEU B 240 21.63 2.16 19.37
CA LEU B 240 20.60 3.09 19.78
C LEU B 240 19.85 2.51 20.99
N ILE B 241 19.42 3.39 21.88
CA ILE B 241 18.65 2.99 23.06
C ILE B 241 17.41 3.87 23.14
N SER B 242 16.29 3.25 23.47
CA SER B 242 15.05 3.98 23.75
C SER B 242 14.63 3.71 25.20
N ASP B 243 14.37 4.80 25.93
CA ASP B 243 13.85 4.74 27.29
C ASP B 243 12.36 5.09 27.37
N ASP B 244 11.70 5.26 26.23
CA ASP B 244 10.28 5.60 26.24
C ASP B 244 9.51 4.66 25.34
N LYS B 245 9.91 3.39 25.32
CA LYS B 245 9.19 2.34 24.62
C LYS B 245 9.09 2.59 23.10
N GLY B 246 10.13 3.18 22.53
CA GLY B 246 10.20 3.33 21.09
C GLY B 246 9.71 4.66 20.54
N LEU B 247 9.34 5.61 21.40
CA LEU B 247 8.93 6.92 20.90
C LEU B 247 10.13 7.71 20.39
N THR B 248 11.25 7.65 21.11
CA THR B 248 12.49 8.30 20.70
C THR B 248 13.65 7.34 20.92
N TRP B 249 14.81 7.70 20.34
CA TRP B 249 16.01 6.89 20.40
C TRP B 249 17.21 7.81 20.65
N LYS B 250 18.17 7.34 21.44
CA LYS B 250 19.39 8.07 21.70
C LYS B 250 20.56 7.24 21.19
N TYR B 251 21.54 7.90 20.58
CA TYR B 251 22.76 7.24 20.18
C TYR B 251 23.54 6.86 21.43
N SER B 252 23.99 5.62 21.50
CA SER B 252 24.67 5.14 22.69
C SER B 252 26.17 4.95 22.50
N ALA B 253 26.59 4.21 21.47
CA ALA B 253 27.98 3.87 21.29
C ALA B 253 28.17 3.22 19.93
N PRO B 254 29.34 3.37 19.31
CA PRO B 254 29.64 2.55 18.14
C PRO B 254 29.78 1.08 18.58
N VAL B 255 29.31 0.17 17.75
CA VAL B 255 29.29 -1.27 18.06
C VAL B 255 30.38 -2.02 17.32
N ALA B 256 30.53 -1.76 16.02
CA ALA B 256 31.55 -2.44 15.22
C ALA B 256 31.91 -1.54 14.05
N VAL B 257 33.17 -1.13 14.00
CA VAL B 257 33.71 -0.27 12.95
C VAL B 257 35.06 -0.85 12.52
N ASP B 258 35.36 -0.74 11.23
CA ASP B 258 36.65 -1.20 10.72
C ASP B 258 37.04 -0.31 9.56
N GLU B 259 38.34 -0.24 9.27
CA GLU B 259 38.80 0.55 8.14
C GLU B 259 38.32 -0.03 6.82
N LYS B 260 38.14 -1.36 6.76
CA LYS B 260 37.85 -2.03 5.51
C LYS B 260 36.59 -2.87 5.59
N VAL B 261 36.44 -3.66 6.66
CA VAL B 261 35.29 -4.57 6.79
C VAL B 261 34.02 -3.77 7.08
N SER B 262 32.92 -4.17 6.44
CA SER B 262 31.61 -3.59 6.73
C SER B 262 30.87 -4.46 7.74
N PHE B 263 30.07 -3.81 8.58
CA PHE B 263 29.12 -4.50 9.46
C PHE B 263 27.73 -3.93 9.17
N ASN B 264 26.78 -4.80 8.87
CA ASN B 264 25.48 -4.25 8.50
C ASN B 264 24.38 -4.89 9.34
N GLU B 265 23.75 -5.98 8.87
CA GLU B 265 22.61 -6.54 9.59
C GLU B 265 23.06 -7.11 10.93
N ALA B 266 22.32 -6.80 11.99
CA ALA B 266 22.78 -7.10 13.34
C ALA B 266 21.60 -7.38 14.24
N SER B 267 21.65 -8.49 14.97
CA SER B 267 20.70 -8.73 16.04
C SER B 267 21.38 -8.47 17.38
N VAL B 268 20.66 -7.87 18.31
CA VAL B 268 21.22 -7.53 19.60
C VAL B 268 20.54 -8.37 20.68
N TYR B 269 21.24 -8.51 21.80
CA TYR B 269 20.80 -9.45 22.82
C TYR B 269 21.41 -9.02 24.16
N GLU B 270 20.64 -9.19 25.25
CA GLU B 270 21.14 -8.93 26.59
C GLU B 270 21.19 -10.25 27.36
N THR B 271 22.36 -10.56 27.92
CA THR B 271 22.52 -11.79 28.68
C THR B 271 21.95 -11.63 30.08
N PRO B 272 21.68 -12.75 30.76
CA PRO B 272 21.27 -12.66 32.18
C PRO B 272 22.24 -11.87 33.05
N LYS B 273 23.54 -11.97 32.79
CA LYS B 273 24.48 -11.15 33.56
C LYS B 273 24.46 -9.68 33.16
N GLY B 274 23.77 -9.33 32.06
CA GLY B 274 23.68 -7.95 31.64
C GLY B 274 24.66 -7.49 30.58
N ASP B 275 25.45 -8.39 30.01
CA ASP B 275 26.23 -8.03 28.82
C ASP B 275 25.29 -7.76 27.65
N VAL B 276 25.66 -6.79 26.82
CA VAL B 276 24.98 -6.55 25.56
C VAL B 276 25.84 -7.17 24.47
N VAL B 277 25.22 -8.04 23.66
CA VAL B 277 25.91 -8.80 22.63
C VAL B 277 25.22 -8.54 21.29
N ALA B 278 26.00 -8.25 20.26
CA ALA B 278 25.46 -8.05 18.91
C ALA B 278 26.06 -9.08 17.96
N PHE B 279 25.21 -9.72 17.18
CA PHE B 279 25.62 -10.73 16.20
C PHE B 279 25.54 -10.13 14.80
N LEU B 280 26.66 -10.11 14.08
CA LEU B 280 26.88 -9.19 12.97
C LEU B 280 27.10 -9.91 11.64
N ARG B 281 26.43 -9.43 10.60
CA ARG B 281 26.72 -9.78 9.22
C ARG B 281 27.81 -8.83 8.72
N THR B 282 28.77 -9.37 7.97
CA THR B 282 29.90 -8.59 7.47
C THR B 282 29.87 -8.55 5.95
N ALA B 283 30.56 -7.55 5.41
CA ALA B 283 31.02 -7.56 4.03
C ALA B 283 32.51 -7.28 4.04
N GLY B 284 33.22 -7.88 3.09
CA GLY B 284 34.68 -7.77 3.06
C GLY B 284 35.41 -8.72 3.99
N LEU B 285 34.73 -9.73 4.54
CA LEU B 285 35.35 -10.66 5.47
C LEU B 285 34.90 -12.08 5.17
N GLY B 286 34.72 -12.41 3.89
CA GLY B 286 34.41 -13.78 3.50
C GLY B 286 33.19 -14.38 4.16
N ASP B 287 32.16 -13.57 4.39
CA ASP B 287 30.90 -14.00 5.03
C ASP B 287 31.11 -14.52 6.45
N GLN B 288 32.17 -14.08 7.11
CA GLN B 288 32.39 -14.46 8.50
C GLN B 288 31.34 -13.82 9.39
N ALA B 289 30.69 -14.64 10.20
CA ALA B 289 29.77 -14.15 11.24
C ALA B 289 30.57 -13.62 12.41
N CYS B 290 30.22 -12.43 12.91
CA CYS B 290 31.03 -11.76 13.92
C CYS B 290 30.17 -11.37 15.12
N ILE B 291 30.85 -11.00 16.20
CA ILE B 291 30.19 -10.70 17.47
C ILE B 291 30.91 -9.52 18.12
N ALA B 292 30.14 -8.66 18.78
CA ALA B 292 30.69 -7.59 19.60
C ALA B 292 29.93 -7.54 20.91
N ARG B 293 30.61 -7.14 21.97
CA ARG B 293 30.06 -7.20 23.31
C ARG B 293 30.34 -5.91 24.07
N SER B 294 29.41 -5.55 24.94
CA SER B 294 29.58 -4.44 25.87
C SER B 294 29.35 -4.97 27.27
N VAL B 295 30.26 -4.67 28.19
CA VAL B 295 30.09 -5.04 29.59
C VAL B 295 29.60 -3.88 30.45
N ASP B 296 29.27 -2.74 29.85
CA ASP B 296 28.87 -1.57 30.62
C ASP B 296 27.52 -1.04 30.18
N GLY B 297 26.59 -1.94 29.86
CA GLY B 297 25.25 -1.51 29.49
C GLY B 297 25.14 -0.79 28.16
N GLY B 298 26.12 -0.97 27.28
CA GLY B 298 26.06 -0.37 25.96
C GLY B 298 26.76 0.96 25.83
N LYS B 299 27.49 1.40 26.86
CA LYS B 299 28.21 2.67 26.75
C LYS B 299 29.46 2.53 25.89
N THR B 300 30.09 1.35 25.92
CA THR B 300 31.27 1.08 25.12
C THR B 300 31.24 -0.38 24.73
N PHE B 301 31.67 -0.69 23.51
CA PHE B 301 31.82 -2.06 23.05
C PHE B 301 33.30 -2.40 22.89
N THR B 302 33.65 -3.64 23.23
CA THR B 302 35.01 -4.09 22.98
C THR B 302 35.18 -4.45 21.51
N ALA B 303 36.41 -4.83 21.14
CA ALA B 303 36.71 -5.16 19.74
C ALA B 303 35.82 -6.29 19.25
N TRP B 304 35.33 -6.13 18.03
CA TRP B 304 34.53 -7.19 17.41
C TRP B 304 35.42 -8.40 17.13
N GLU B 305 34.80 -9.60 17.13
CA GLU B 305 35.52 -10.85 16.89
C GLU B 305 34.81 -11.67 15.83
N LYS B 306 35.60 -12.48 15.11
CA LYS B 306 35.05 -13.55 14.29
C LYS B 306 34.53 -14.68 15.16
N MSE B 307 33.38 -15.24 14.79
CA MSE B 307 32.86 -16.34 15.58
C MSE B 307 33.36 -17.70 15.05
O MSE B 307 33.15 -18.73 15.68
CB MSE B 307 31.33 -16.30 15.62
CG MSE B 307 30.84 -15.22 16.58
SE MSE B 307 28.93 -15.46 16.95
CE MSE B 307 28.30 -14.85 15.21
N GLY B 308 34.07 -17.66 13.91
CA GLY B 308 34.67 -18.86 13.37
C GLY B 308 33.84 -19.62 12.37
N PHE B 309 32.78 -19.02 11.82
CA PHE B 309 31.97 -19.72 10.83
C PHE B 309 31.36 -18.69 9.89
N GLN B 310 30.86 -19.19 8.76
CA GLN B 310 30.19 -18.38 7.77
C GLN B 310 28.68 -18.48 7.98
N GLY B 311 28.00 -17.35 7.86
CA GLY B 311 26.56 -17.35 8.03
C GLY B 311 26.06 -15.93 8.14
N HIS B 312 24.84 -15.68 7.66
CA HIS B 312 24.17 -14.39 7.83
C HIS B 312 22.71 -14.43 7.37
N PRO B 313 21.88 -13.50 7.86
CA PRO B 313 22.11 -12.64 9.02
C PRO B 313 21.87 -13.48 10.25
N MSE B 314 22.09 -12.96 11.45
CA MSE B 314 21.89 -13.77 12.64
C MSE B 314 20.67 -13.33 13.44
O MSE B 314 20.29 -12.15 13.43
CB MSE B 314 23.13 -13.72 13.56
CG MSE B 314 24.12 -14.87 13.33
SE MSE B 314 24.99 -14.91 11.60
CE MSE B 314 25.88 -13.16 11.55
N HIS B 315 20.06 -14.29 14.11
CA HIS B 315 18.98 -14.03 15.05
C HIS B 315 19.22 -14.83 16.31
N ALA B 316 19.04 -14.21 17.48
CA ALA B 316 19.27 -14.85 18.77
C ALA B 316 17.98 -14.90 19.56
N LEU B 317 17.67 -16.09 20.11
CA LEU B 317 16.47 -16.33 20.90
C LEU B 317 16.87 -16.95 22.24
N ARG B 318 16.49 -16.30 23.34
CA ARG B 318 16.73 -16.88 24.68
C ARG B 318 15.79 -18.06 24.88
N LEU B 319 16.36 -19.26 24.99
CA LEU B 319 15.58 -20.48 25.24
C LEU B 319 15.14 -20.52 26.71
N PRO B 320 14.22 -21.43 27.07
CA PRO B 320 13.71 -21.43 28.45
C PRO B 320 14.77 -21.64 29.52
N ASP B 321 15.88 -22.34 29.23
CA ASP B 321 16.94 -22.55 30.19
C ASP B 321 18.03 -21.48 30.13
N ASN B 322 17.76 -20.37 29.46
CA ASN B 322 18.65 -19.23 29.21
C ASN B 322 19.77 -19.54 28.22
N ARG B 323 19.85 -20.76 27.66
CA ARG B 323 20.72 -20.97 26.51
C ARG B 323 20.20 -20.10 25.36
N VAL B 324 21.05 -19.87 24.36
CA VAL B 324 20.69 -18.94 23.29
C VAL B 324 20.71 -19.67 21.96
N LEU B 325 19.58 -19.67 21.27
CA LEU B 325 19.50 -20.21 19.91
C LEU B 325 19.88 -19.11 18.91
N LEU B 326 21.02 -19.31 18.24
CA LEU B 326 21.53 -18.41 17.21
C LEU B 326 21.26 -19.06 15.85
N SER B 327 20.32 -18.51 15.09
N SER B 327 20.34 -18.50 15.07
CA SER B 327 19.96 -19.02 13.77
CA SER B 327 19.99 -19.04 13.77
C SER B 327 20.51 -18.11 12.68
C SER B 327 20.47 -18.10 12.67
N TYR B 328 20.85 -18.69 11.53
CA TYR B 328 21.39 -17.88 10.42
C TYR B 328 21.17 -18.60 9.10
N GLY B 329 21.16 -17.82 8.02
CA GLY B 329 21.17 -18.40 6.70
C GLY B 329 22.56 -18.85 6.30
N TYR B 330 22.62 -19.83 5.39
CA TYR B 330 23.88 -20.39 4.90
C TYR B 330 23.86 -20.31 3.39
N ARG B 331 24.38 -19.21 2.85
CA ARG B 331 24.33 -18.95 1.41
C ARG B 331 25.57 -19.47 0.72
N HIS B 332 25.91 -20.72 1.04
CA HIS B 332 27.02 -21.46 0.44
C HIS B 332 26.52 -22.87 0.21
N LYS B 333 27.24 -23.64 -0.60
CA LYS B 333 26.85 -25.02 -0.87
C LYS B 333 27.10 -25.89 0.36
N PRO B 334 26.09 -26.66 0.78
CA PRO B 334 24.71 -26.72 0.26
C PRO B 334 23.83 -25.60 0.85
N LEU B 335 23.06 -24.94 -0.01
CA LEU B 335 22.30 -23.75 0.39
C LEU B 335 21.22 -24.06 1.41
N GLY B 336 21.13 -23.23 2.46
CA GLY B 336 20.06 -23.45 3.41
C GLY B 336 20.12 -22.64 4.68
N ILE B 337 19.76 -23.29 5.79
CA ILE B 337 19.48 -22.68 7.08
C ILE B 337 20.21 -23.49 8.15
N ARG B 338 20.91 -22.80 9.05
CA ARG B 338 21.68 -23.49 10.08
C ARG B 338 21.52 -22.72 11.39
N ALA B 339 21.98 -23.34 12.48
CA ALA B 339 21.92 -22.70 13.80
C ALA B 339 22.92 -23.36 14.74
N ARG B 340 23.17 -22.70 15.88
CA ARG B 340 24.01 -23.18 16.98
C ARG B 340 23.38 -22.74 18.28
N ILE B 341 23.52 -23.55 19.32
CA ILE B 341 22.98 -23.23 20.64
C ILE B 341 24.15 -22.78 21.53
N LEU B 342 24.14 -21.50 21.91
CA LEU B 342 25.17 -20.93 22.77
C LEU B 342 24.80 -21.04 24.26
N ASN B 343 25.83 -20.95 25.12
CA ASN B 343 25.57 -20.80 26.55
C ASN B 343 24.94 -19.44 26.84
N ALA B 344 24.52 -19.25 28.10
CA ALA B 344 23.67 -18.10 28.44
C ALA B 344 24.38 -16.77 28.19
N GLU B 345 25.70 -16.73 28.39
CA GLU B 345 26.48 -15.51 28.18
C GLU B 345 27.04 -15.41 26.76
N CYS B 346 26.70 -16.36 25.88
CA CYS B 346 27.07 -16.31 24.45
C CYS B 346 28.59 -16.24 24.27
N THR B 347 29.32 -17.03 25.06
CA THR B 347 30.77 -17.02 24.92
C THR B 347 31.34 -18.23 24.19
N ASP B 348 30.55 -19.31 24.01
CA ASP B 348 31.10 -20.57 23.50
C ASP B 348 30.77 -20.81 22.02
N PHE B 349 30.70 -19.75 21.22
CA PHE B 349 30.30 -19.90 19.83
C PHE B 349 31.32 -20.73 19.06
N ALA B 350 32.59 -20.69 19.46
CA ALA B 350 33.62 -21.44 18.74
C ALA B 350 33.43 -22.95 18.91
N THR B 351 32.83 -23.39 20.02
CA THR B 351 32.73 -24.82 20.30
C THR B 351 31.32 -25.37 20.21
N ALA B 352 30.30 -24.52 20.10
CA ALA B 352 28.93 -25.01 20.02
C ALA B 352 28.68 -25.65 18.65
N PRO B 353 28.19 -26.88 18.61
CA PRO B 353 28.08 -27.59 17.33
C PRO B 353 27.01 -26.96 16.45
N GLU B 354 27.22 -27.03 15.14
CA GLU B 354 26.30 -26.44 14.18
C GLU B 354 25.17 -27.40 13.87
N ILE B 355 23.94 -26.88 13.90
CA ILE B 355 22.73 -27.61 13.57
C ILE B 355 22.35 -27.25 12.14
N VAL B 356 22.24 -28.23 11.26
CA VAL B 356 21.93 -27.98 9.85
C VAL B 356 20.45 -28.23 9.62
N LEU B 357 19.67 -27.15 9.34
CA LEU B 357 18.22 -27.27 9.21
C LEU B 357 17.75 -27.51 7.79
N ARG B 358 18.42 -26.94 6.78
CA ARG B 358 18.02 -27.10 5.39
C ARG B 358 19.26 -27.11 4.52
N THR B 359 19.24 -27.94 3.47
CA THR B 359 20.31 -28.02 2.50
C THR B 359 19.79 -28.02 1.07
N ASP B 360 18.48 -27.86 0.86
CA ASP B 360 17.85 -28.01 -0.45
C ASP B 360 17.57 -26.68 -1.13
N GLY B 361 18.24 -25.60 -0.73
CA GLY B 361 18.02 -24.32 -1.37
C GLY B 361 18.41 -24.35 -2.84
N GLY B 362 17.66 -23.58 -3.64
CA GLY B 362 17.92 -23.45 -5.06
C GLY B 362 18.93 -22.36 -5.39
N THR B 363 18.56 -21.11 -5.17
CA THR B 363 19.47 -19.98 -5.31
C THR B 363 19.77 -19.40 -3.92
N THR B 364 20.72 -18.46 -3.89
CA THR B 364 21.10 -17.75 -2.68
C THR B 364 20.02 -16.79 -2.17
N ASP B 365 18.98 -16.52 -2.97
CA ASP B 365 17.87 -15.67 -2.52
C ASP B 365 17.00 -16.48 -1.57
N LEU B 366 17.49 -16.63 -0.34
CA LEU B 366 16.83 -17.35 0.74
C LEU B 366 17.50 -16.94 2.05
N GLY B 367 16.97 -17.44 3.16
CA GLY B 367 17.61 -17.25 4.46
C GLY B 367 16.85 -16.35 5.43
N TYR B 368 17.59 -15.47 6.11
CA TYR B 368 17.02 -14.53 7.08
C TYR B 368 16.13 -15.20 8.13
N PRO B 369 16.63 -16.22 8.83
CA PRO B 369 15.78 -16.91 9.82
C PRO B 369 15.52 -16.08 11.07
N TRP B 370 14.42 -16.43 11.73
CA TRP B 370 13.95 -15.74 12.93
C TRP B 370 13.18 -16.78 13.73
N ALA B 371 13.56 -17.01 14.98
CA ALA B 371 12.92 -18.08 15.76
C ALA B 371 11.96 -17.53 16.81
N VAL B 372 11.04 -18.40 17.23
CA VAL B 372 10.05 -18.07 18.24
C VAL B 372 9.75 -19.33 19.06
N GLN B 373 9.57 -19.16 20.36
CA GLN B 373 9.30 -20.32 21.23
C GLN B 373 7.85 -20.75 21.06
N LEU B 374 7.64 -22.02 20.70
CA LEU B 374 6.29 -22.58 20.62
C LEU B 374 5.82 -23.08 21.98
N ASP B 375 6.56 -24.01 22.59
CA ASP B 375 6.30 -24.47 23.96
C ASP B 375 7.63 -24.61 24.67
N LYS B 376 7.64 -25.26 25.85
CA LYS B 376 8.86 -25.26 26.66
C LYS B 376 10.03 -25.93 25.95
N ASN B 377 9.77 -26.88 25.05
CA ASN B 377 10.91 -27.48 24.35
C ASN B 377 10.68 -27.59 22.85
N ARG B 378 9.88 -26.69 22.28
CA ARG B 378 9.73 -26.61 20.83
C ARG B 378 9.92 -25.16 20.39
N VAL B 379 10.70 -24.98 19.34
CA VAL B 379 10.98 -23.68 18.76
C VAL B 379 10.63 -23.73 17.29
N LEU B 380 10.01 -22.67 16.77
CA LEU B 380 9.85 -22.51 15.33
C LEU B 380 10.96 -21.60 14.81
N VAL B 381 11.76 -22.10 13.89
CA VAL B 381 12.73 -21.29 13.16
C VAL B 381 12.08 -20.96 11.82
N SER B 382 11.59 -19.73 11.68
CA SER B 382 11.07 -19.29 10.40
C SER B 382 12.21 -18.74 9.54
N TYR B 383 11.98 -18.70 8.22
CA TYR B 383 12.93 -18.14 7.26
C TYR B 383 12.20 -18.01 5.93
N TYR B 384 12.85 -17.39 4.96
CA TYR B 384 12.33 -17.52 3.60
C TYR B 384 13.24 -18.45 2.79
N PHE B 385 12.71 -18.94 1.68
CA PHE B 385 13.33 -20.09 1.04
C PHE B 385 12.93 -20.16 -0.42
N ASN B 386 13.72 -20.91 -1.18
CA ASN B 386 13.37 -21.32 -2.53
C ASN B 386 14.05 -22.65 -2.79
N VAL B 387 13.40 -23.50 -3.58
CA VAL B 387 14.02 -24.70 -4.13
C VAL B 387 14.23 -24.46 -5.62
N PRO B 388 15.03 -25.27 -6.32
CA PRO B 388 15.22 -25.02 -7.75
C PRO B 388 13.88 -24.99 -8.48
N GLY B 389 13.69 -23.96 -9.29
CA GLY B 389 12.47 -23.76 -10.04
C GLY B 389 11.26 -23.31 -9.24
N GLY B 390 11.41 -23.04 -7.95
CA GLY B 390 10.29 -22.61 -7.13
C GLY B 390 10.39 -21.14 -6.74
N PRO B 391 9.31 -20.60 -6.16
CA PRO B 391 9.30 -19.19 -5.76
C PRO B 391 9.89 -18.96 -4.38
N GLN B 392 10.19 -17.68 -4.11
CA GLN B 392 10.54 -17.24 -2.76
C GLN B 392 9.31 -17.27 -1.87
N HIS B 393 9.36 -18.07 -0.82
CA HIS B 393 8.23 -18.29 0.05
C HIS B 393 8.71 -18.31 1.49
N ILE B 394 7.78 -18.18 2.43
CA ILE B 394 8.09 -18.24 3.85
C ILE B 394 7.94 -19.69 4.29
N ALA B 395 8.94 -20.19 5.02
CA ALA B 395 8.95 -21.57 5.47
C ALA B 395 9.48 -21.61 6.89
N GLY B 396 9.52 -22.81 7.45
CA GLY B 396 10.04 -22.94 8.80
C GLY B 396 10.44 -24.36 9.10
N SER B 397 11.23 -24.49 10.16
CA SER B 397 11.61 -25.79 10.71
C SER B 397 11.29 -25.74 12.19
N ILE B 398 10.60 -26.76 12.67
CA ILE B 398 10.26 -26.86 14.08
C ILE B 398 11.30 -27.76 14.74
N LEU B 399 11.96 -27.21 15.76
CA LEU B 399 13.02 -27.89 16.49
C LEU B 399 12.51 -28.33 17.85
N GLU B 400 12.91 -29.53 18.26
CA GLU B 400 12.71 -30.00 19.62
C GLU B 400 14.06 -29.87 20.34
N ILE B 401 14.10 -29.09 21.41
CA ILE B 401 15.33 -28.84 22.15
C ILE B 401 15.07 -29.22 23.60
N ARG B 402 15.63 -30.34 24.02
CA ARG B 402 15.52 -30.77 25.42
C ARG B 402 16.81 -30.46 26.17
O1 PG4 C . -9.30 10.44 -21.81
C1 PG4 C . -8.59 10.96 -20.68
C2 PG4 C . -9.40 10.88 -19.39
O2 PG4 C . -9.85 9.55 -19.13
C3 PG4 C . -9.33 8.98 -17.92
C4 PG4 C . -9.39 7.47 -18.09
O3 PG4 C . -8.45 6.77 -17.27
C5 PG4 C . -7.45 6.10 -18.03
C6 PG4 C . -8.04 4.87 -18.71
O4 PG4 C . -7.32 4.66 -19.94
C7 PG4 C . -8.21 4.49 -21.04
C8 PG4 C . -7.61 5.19 -22.25
O5 PG4 C . -8.59 5.33 -23.29
C ACT D . -7.81 9.59 -13.65
O ACT D . -7.51 8.49 -13.11
OXT ACT D . -8.94 10.10 -13.35
CH3 ACT D . -6.87 10.25 -14.60
C ACT E . -32.75 -2.15 -13.78
O ACT E . -32.54 -3.11 -14.58
OXT ACT E . -33.17 -1.10 -14.30
CH3 ACT E . -32.51 -2.25 -12.30
C1 GOL F . -3.78 9.30 -19.49
O1 GOL F . -4.75 8.63 -20.25
C2 GOL F . -3.84 8.79 -18.05
O2 GOL F . -5.17 8.83 -17.59
C3 GOL F . -2.97 9.65 -17.13
O3 GOL F . -1.61 9.62 -17.55
C1 GOL G . -22.05 -2.50 9.18
O1 GOL G . -22.00 -2.19 10.57
C2 GOL G . -23.24 -1.80 8.52
O2 GOL G . -22.82 -0.71 7.72
C3 GOL G . -23.99 -2.82 7.66
O3 GOL G . -23.08 -3.71 7.06
C1 GOL H . -0.29 -1.08 -27.84
O1 GOL H . -0.33 -2.38 -28.33
C2 GOL H . 1.13 -0.56 -27.88
O2 GOL H . 1.61 -0.65 -29.20
C3 GOL H . 1.08 0.91 -27.45
O3 GOL H . 2.39 1.35 -27.13
C1 PGE I . 1.28 16.11 -16.79
O1 PGE I . -0.04 15.60 -16.96
C2 PGE I . 1.40 16.80 -15.44
O2 PGE I . 2.65 16.57 -14.79
C3 PGE I . 3.70 16.06 -15.58
C4 PGE I . 4.72 15.37 -14.70
O4 PGE I . 7.51 13.48 -17.90
C6 PGE I . 6.54 13.10 -16.93
C5 PGE I . 6.41 14.20 -15.91
O3 PGE I . 5.12 14.16 -15.32
C1 GOL J . 10.24 -0.67 -10.35
O1 GOL J . 9.08 0.10 -10.15
C2 GOL J . 11.03 0.13 -11.37
O2 GOL J . 12.16 -0.62 -11.75
C3 GOL J . 10.12 0.41 -12.56
O3 GOL J . 10.75 1.36 -13.40
C ACT K . 17.30 -6.60 2.03
O ACT K . 17.45 -7.45 2.96
OXT ACT K . 16.57 -5.60 2.27
CH3 ACT K . 17.98 -6.73 0.69
C1 PGE L . 21.89 -1.06 2.48
O1 PGE L . 22.23 0.27 2.11
C2 PGE L . 20.39 -1.28 2.33
O2 PGE L . 20.11 -2.67 2.32
C3 PGE L . 20.70 -3.37 3.41
C4 PGE L . 21.05 -4.80 3.02
O4 PGE L . 25.12 -5.74 1.99
C6 PGE L . 23.77 -5.95 1.59
C5 PGE L . 22.92 -6.26 2.81
O3 PGE L . 22.41 -5.06 3.35
#